data_8TRF
#
_entry.id   8TRF
#
_cell.length_a   85.528
_cell.length_b   130.173
_cell.length_c   136.428
_cell.angle_alpha   90.000
_cell.angle_beta   90.000
_cell.angle_gamma   90.000
#
_symmetry.space_group_name_H-M   'P 21 21 21'
#
loop_
_entity.id
_entity.type
_entity.pdbx_description
1 polymer 'AB hydrolase-1 domain-containing protein'
2 non-polymer GLYCEROL
3 non-polymer 3,6,9,12,15,18,21,24,27,30,33,36,39-TRIDECAOXAHENTETRACONTANE-1,41-DIOL
4 non-polymer 'CHLORIDE ION'
5 water water
#
_entity_poly.entity_id   1
_entity_poly.type   'polypeptide(L)'
_entity_poly.pdbx_seq_one_letter_code
;MSTTPAETEITRIEVGTGAAARSIAMRIFRTGNPPDMKDGDPRRPALVWLGGYRSDMTGTKAVEVERHAREAGTDCIRFD
YSGHGASDGDYRDGTISRWVEESLAVIDHAATGRMILIGSSMGAWVALRLAEKLKGGAHHGEGGVGRLCGLVLIAPAPDF
TAELIEPNLTEAERTSLAERGYFEEPSEYSPEPNVFTRALIEDGRNNLVMKGPIETGCPVHILQGMRDPDVPYTHALKLM
EHMPADDVVMTLIRDGDHRLSREEDIAKLKQAIDAMLTKA
;
_entity_poly.pdbx_strand_id   A,B,C,D
#
loop_
_chem_comp.id
_chem_comp.type
_chem_comp.name
_chem_comp.formula
CL non-polymer 'CHLORIDE ION' 'Cl -1'
GOL non-polymer GLYCEROL 'C3 H8 O3'
PE3 non-polymer 3,6,9,12,15,18,21,24,27,30,33,36,39-TRIDECAOXAHENTETRACONTANE-1,41-DIOL 'C28 H58 O15'
#
# COMPACT_ATOMS: atom_id res chain seq x y z
N GLU A 7 4.75 -1.93 26.58
CA GLU A 7 4.49 -2.17 27.99
C GLU A 7 4.46 -0.85 28.77
N THR A 8 5.34 0.07 28.40
CA THR A 8 5.40 1.36 29.08
C THR A 8 4.22 2.22 28.65
N GLU A 9 3.50 2.75 29.63
CA GLU A 9 2.31 3.54 29.37
C GLU A 9 2.67 4.85 28.67
N ILE A 10 1.69 5.40 27.95
CA ILE A 10 1.83 6.67 27.24
C ILE A 10 1.20 7.76 28.10
N THR A 11 1.98 8.77 28.42
CA THR A 11 1.51 9.95 29.13
C THR A 11 1.72 11.18 28.26
N ARG A 12 0.93 12.23 28.50
CA ARG A 12 0.91 13.39 27.63
C ARG A 12 1.11 14.67 28.42
N ILE A 13 1.69 15.66 27.74
CA ILE A 13 1.78 17.02 28.27
C ILE A 13 1.45 17.99 27.14
N GLU A 14 0.87 19.13 27.50
CA GLU A 14 0.59 20.18 26.55
C GLU A 14 1.78 21.13 26.48
N VAL A 15 2.27 21.38 25.27
CA VAL A 15 3.38 22.29 25.04
C VAL A 15 2.89 23.45 24.18
N GLY A 16 3.27 24.66 24.55
CA GLY A 16 2.82 25.85 23.85
C GLY A 16 1.49 26.36 24.38
N THR A 17 1.15 27.56 23.95
CA THR A 17 -0.10 28.17 24.35
C THR A 17 -0.81 28.73 23.13
N GLY A 18 -2.12 28.93 23.28
CA GLY A 18 -2.89 29.50 22.20
C GLY A 18 -2.95 28.55 21.03
N ALA A 19 -2.81 29.10 19.82
CA ALA A 19 -2.85 28.29 18.62
C ALA A 19 -1.67 27.32 18.52
N ALA A 20 -0.60 27.55 19.28
CA ALA A 20 0.55 26.68 19.20
C ALA A 20 0.52 25.56 20.24
N ALA A 21 -0.55 25.44 21.01
CA ALA A 21 -0.67 24.39 22.01
C ALA A 21 -0.79 23.03 21.33
N ARG A 22 0.03 22.07 21.76
CA ARG A 22 0.03 20.74 21.17
C ARG A 22 0.35 19.71 22.24
N SER A 23 -0.23 18.52 22.06
CA SER A 23 -0.06 17.43 23.01
C SER A 23 1.12 16.57 22.59
N ILE A 24 2.06 16.36 23.52
CA ILE A 24 3.27 15.59 23.28
C ILE A 24 3.16 14.26 24.01
N ALA A 25 3.32 13.16 23.28
CA ALA A 25 3.23 11.82 23.85
C ALA A 25 4.58 11.39 24.42
N MET A 26 4.54 10.82 25.62
CA MET A 26 5.75 10.37 26.31
C MET A 26 5.59 8.92 26.74
N ARG A 27 6.73 8.24 26.88
CA ARG A 27 6.82 6.89 27.43
C ARG A 27 7.94 6.91 28.48
N ILE A 28 7.56 7.09 29.74
CA ILE A 28 8.51 7.25 30.84
C ILE A 28 8.62 5.94 31.61
N PHE A 29 9.79 5.32 31.55
CA PHE A 29 10.08 4.13 32.34
C PHE A 29 10.89 4.52 33.56
N ARG A 30 10.51 4.01 34.73
CA ARG A 30 11.23 4.25 35.97
C ARG A 30 11.62 2.92 36.59
N THR A 31 12.86 2.84 37.06
CA THR A 31 13.34 1.65 37.74
C THR A 31 13.08 1.74 39.24
N GLY A 40 23.62 5.76 40.71
CA GLY A 40 23.49 6.26 42.07
C GLY A 40 22.04 6.35 42.53
N ASP A 41 21.76 5.78 43.70
CA ASP A 41 20.38 5.76 44.20
C ASP A 41 19.82 7.16 44.45
N PRO A 42 20.49 8.05 45.19
CA PRO A 42 19.90 9.39 45.40
C PRO A 42 19.87 10.26 44.16
N ARG A 43 20.69 9.96 43.14
CA ARG A 43 20.70 10.71 41.89
C ARG A 43 20.59 9.73 40.71
N ARG A 44 19.49 9.01 40.65
CA ARG A 44 19.29 7.98 39.64
C ARG A 44 19.37 8.58 38.24
N PRO A 45 20.27 8.09 37.38
CA PRO A 45 20.38 8.65 36.04
C PRO A 45 19.17 8.28 35.19
N ALA A 46 18.88 9.13 34.22
CA ALA A 46 17.79 8.90 33.28
C ALA A 46 18.36 8.95 31.87
N LEU A 47 18.08 7.92 31.09
CA LEU A 47 18.36 7.96 29.66
C LEU A 47 17.22 8.69 28.96
N VAL A 48 17.56 9.66 28.12
CA VAL A 48 16.58 10.39 27.34
C VAL A 48 16.86 10.16 25.87
N TRP A 49 15.84 9.70 25.13
CA TRP A 49 15.96 9.44 23.71
C TRP A 49 15.44 10.63 22.91
N LEU A 50 16.19 11.04 21.89
CA LEU A 50 15.76 12.08 20.95
C LEU A 50 15.95 11.51 19.55
N GLY A 51 14.85 11.12 18.92
CA GLY A 51 14.89 10.48 17.63
C GLY A 51 15.17 11.45 16.50
N GLY A 52 15.20 10.89 15.28
CA GLY A 52 15.51 11.66 14.10
C GLY A 52 14.28 12.23 13.43
N TYR A 53 14.54 12.99 12.36
CA TYR A 53 13.47 13.48 11.50
C TYR A 53 12.57 12.34 11.06
N ARG A 54 11.27 12.48 11.31
CA ARG A 54 10.24 11.48 10.99
C ARG A 54 10.45 10.16 11.73
N SER A 55 11.22 10.16 12.81
CA SER A 55 11.41 8.95 13.60
C SER A 55 10.18 8.68 14.46
N ASP A 56 10.22 7.57 15.19
CA ASP A 56 9.14 7.16 16.06
C ASP A 56 9.69 6.71 17.40
N MET A 57 8.92 7.01 18.45
CA MET A 57 9.24 6.54 19.80
C MET A 57 9.41 5.02 19.86
N THR A 58 8.75 4.29 18.96
CA THR A 58 8.82 2.83 18.94
C THR A 58 9.82 2.30 17.93
N GLY A 59 10.79 3.11 17.52
CA GLY A 59 11.83 2.64 16.64
C GLY A 59 12.75 1.66 17.33
N THR A 60 13.57 0.99 16.52
CA THR A 60 14.46 -0.04 17.05
C THR A 60 15.42 0.53 18.08
N LYS A 61 16.16 1.58 17.73
CA LYS A 61 17.12 2.16 18.66
C LYS A 61 16.44 2.68 19.92
N ALA A 62 15.28 3.31 19.77
CA ALA A 62 14.60 3.88 20.94
C ALA A 62 14.11 2.78 21.88
N VAL A 63 13.67 1.65 21.33
CA VAL A 63 13.21 0.55 22.17
C VAL A 63 14.39 -0.11 22.87
N GLU A 64 15.52 -0.24 22.17
CA GLU A 64 16.71 -0.80 22.79
C GLU A 64 17.26 0.10 23.88
N VAL A 65 17.07 1.42 23.76
CA VAL A 65 17.52 2.33 24.80
C VAL A 65 16.73 2.09 26.09
N GLU A 66 15.41 1.91 25.98
CA GLU A 66 14.62 1.63 27.17
C GLU A 66 14.98 0.28 27.78
N ARG A 67 15.25 -0.71 26.93
CA ARG A 67 15.67 -2.01 27.44
C ARG A 67 17.00 -1.90 28.17
N HIS A 68 17.92 -1.07 27.65
CA HIS A 68 19.19 -0.88 28.33
C HIS A 68 19.01 -0.21 29.69
N ALA A 69 18.04 0.70 29.79
CA ALA A 69 17.70 1.28 31.09
C ALA A 69 17.13 0.23 32.02
N ARG A 70 16.34 -0.71 31.48
CA ARG A 70 15.83 -1.80 32.28
C ARG A 70 16.97 -2.67 32.82
N GLU A 71 17.96 -2.96 31.97
CA GLU A 71 19.07 -3.80 32.41
C GLU A 71 19.97 -3.06 33.39
N ALA A 72 20.16 -1.76 33.18
CA ALA A 72 21.08 -0.97 33.99
C ALA A 72 20.41 -0.39 35.23
N GLY A 73 19.11 -0.59 35.40
CA GLY A 73 18.43 -0.06 36.57
C GLY A 73 18.33 1.45 36.60
N THR A 74 18.18 2.08 35.45
CA THR A 74 18.02 3.52 35.37
C THR A 74 16.64 3.86 34.81
N ASP A 75 16.30 5.14 34.85
CA ASP A 75 15.05 5.58 34.25
C ASP A 75 15.26 5.81 32.75
N CYS A 76 14.15 5.83 32.01
CA CYS A 76 14.22 6.12 30.58
C CYS A 76 13.04 6.99 30.17
N ILE A 77 13.35 8.09 29.48
CA ILE A 77 12.34 9.02 29.00
C ILE A 77 12.34 8.95 27.48
N ARG A 78 11.22 8.52 26.91
CA ARG A 78 11.00 8.54 25.47
C ARG A 78 9.80 9.42 25.17
N PHE A 79 9.84 10.10 24.03
CA PHE A 79 8.74 10.98 23.64
C PHE A 79 8.76 11.12 22.12
N ASP A 80 7.66 11.66 21.60
CA ASP A 80 7.54 11.92 20.17
C ASP A 80 7.44 13.43 19.96
N TYR A 81 8.26 13.95 19.06
CA TYR A 81 8.11 15.33 18.61
C TYR A 81 6.70 15.53 18.04
N SER A 82 6.26 16.78 18.06
CA SER A 82 5.00 17.13 17.41
C SER A 82 5.03 16.67 15.97
N GLY A 83 3.90 16.18 15.47
CA GLY A 83 3.85 15.66 14.13
C GLY A 83 4.54 14.33 13.92
N HIS A 84 5.07 13.73 14.98
CA HIS A 84 5.72 12.42 14.92
C HIS A 84 4.99 11.43 15.80
N GLY A 85 4.82 10.21 15.29
CA GLY A 85 4.38 9.11 16.14
C GLY A 85 3.04 9.38 16.81
N ALA A 86 3.01 9.26 18.12
CA ALA A 86 1.75 9.40 18.86
C ALA A 86 1.48 10.82 19.33
N SER A 87 2.31 11.78 18.94
CA SER A 87 2.10 13.17 19.25
C SER A 87 1.11 13.79 18.26
N ASP A 88 0.51 14.90 18.66
CA ASP A 88 -0.42 15.61 17.80
C ASP A 88 0.31 16.28 16.64
N GLY A 89 -0.43 16.55 15.57
CA GLY A 89 -0.01 17.51 14.56
C GLY A 89 0.62 16.86 13.34
N ASP A 90 0.94 17.75 12.39
CA ASP A 90 1.59 17.40 11.15
C ASP A 90 3.06 17.81 11.23
N TYR A 91 3.95 16.87 10.92
CA TYR A 91 5.37 17.18 11.02
C TYR A 91 5.77 18.33 10.12
N ARG A 92 5.03 18.54 9.02
CA ARG A 92 5.32 19.68 8.15
C ARG A 92 4.98 21.03 8.81
N ASP A 93 4.33 21.03 9.97
CA ASP A 93 4.15 22.25 10.75
C ASP A 93 5.27 22.46 11.75
N GLY A 94 6.18 21.50 11.89
CA GLY A 94 7.18 21.58 12.93
C GLY A 94 8.41 22.35 12.50
N THR A 95 9.16 22.80 13.51
CA THR A 95 10.46 23.43 13.31
C THR A 95 11.41 22.93 14.38
N ILE A 96 12.69 23.23 14.20
CA ILE A 96 13.67 22.90 15.23
C ILE A 96 13.30 23.62 16.53
N SER A 97 12.91 24.89 16.45
CA SER A 97 12.53 25.63 17.65
C SER A 97 11.41 24.92 18.41
N ARG A 98 10.38 24.44 17.70
CA ARG A 98 9.28 23.76 18.38
C ARG A 98 9.73 22.45 19.01
N TRP A 99 10.55 21.68 18.29
CA TRP A 99 10.94 20.37 18.80
C TRP A 99 11.95 20.48 19.95
N VAL A 100 12.82 21.49 19.91
CA VAL A 100 13.67 21.73 21.07
C VAL A 100 12.83 22.17 22.26
N GLU A 101 11.84 23.03 22.02
CA GLU A 101 10.92 23.45 23.06
C GLU A 101 10.20 22.26 23.69
N GLU A 102 9.67 21.37 22.85
CA GLU A 102 9.00 20.17 23.35
C GLU A 102 9.97 19.30 24.16
N SER A 103 11.18 19.10 23.65
CA SER A 103 12.16 18.29 24.37
C SER A 103 12.46 18.87 25.75
N LEU A 104 12.62 20.19 25.83
CA LEU A 104 12.87 20.82 27.12
C LEU A 104 11.68 20.66 28.05
N ALA A 105 10.46 20.79 27.51
CA ALA A 105 9.25 20.61 28.31
C ALA A 105 9.17 19.19 28.87
N VAL A 106 9.43 18.19 28.02
CA VAL A 106 9.42 16.80 28.48
C VAL A 106 10.50 16.59 29.53
N ILE A 107 11.69 17.17 29.31
CA ILE A 107 12.79 17.02 30.24
C ILE A 107 12.42 17.60 31.60
N ASP A 108 11.83 18.79 31.61
CA ASP A 108 11.46 19.41 32.88
C ASP A 108 10.37 18.64 33.59
N HIS A 109 9.53 17.91 32.84
CA HIS A 109 8.41 17.19 33.44
C HIS A 109 8.81 15.81 33.97
N ALA A 110 9.71 15.10 33.28
CA ALA A 110 10.01 13.72 33.66
C ALA A 110 11.46 13.52 34.09
N ALA A 111 12.42 14.02 33.32
CA ALA A 111 13.84 13.71 33.52
C ALA A 111 14.35 14.46 34.75
N THR A 112 14.11 13.87 35.92
CA THR A 112 14.73 14.34 37.14
C THR A 112 16.11 13.72 37.30
N GLY A 113 16.90 14.31 38.20
CA GLY A 113 18.20 13.75 38.47
C GLY A 113 19.17 13.88 37.30
N ARG A 114 20.19 13.02 37.35
CA ARG A 114 21.20 13.00 36.30
C ARG A 114 20.59 12.54 34.98
N MET A 115 21.05 13.16 33.88
CA MET A 115 20.51 12.92 32.55
C MET A 115 21.62 12.55 31.58
N ILE A 116 21.32 11.62 30.70
CA ILE A 116 22.13 11.31 29.54
C ILE A 116 21.21 11.39 28.33
N LEU A 117 21.47 12.35 27.45
CA LEU A 117 20.69 12.49 26.23
C LEU A 117 21.30 11.63 25.13
N ILE A 118 20.44 10.87 24.45
CA ILE A 118 20.85 10.03 23.32
C ILE A 118 20.08 10.54 22.12
N GLY A 119 20.73 11.33 21.28
CA GLY A 119 20.10 11.97 20.13
C GLY A 119 20.56 11.34 18.84
N SER A 120 19.60 10.97 18.01
CA SER A 120 19.86 10.32 16.74
C SER A 120 19.54 11.27 15.59
N SER A 121 20.53 11.47 14.71
CA SER A 121 20.38 12.31 13.52
C SER A 121 19.92 13.72 13.89
N MET A 122 18.67 14.06 13.59
CA MET A 122 18.15 15.36 14.03
C MET A 122 18.13 15.45 15.55
N GLY A 123 17.95 14.32 16.24
CA GLY A 123 17.95 14.34 17.69
C GLY A 123 19.28 14.77 18.27
N ALA A 124 20.37 14.60 17.52
CA ALA A 124 21.66 15.10 17.99
C ALA A 124 21.71 16.61 17.94
N TRP A 125 21.06 17.21 16.95
CA TRP A 125 20.93 18.66 16.91
C TRP A 125 20.13 19.15 18.12
N VAL A 126 18.99 18.50 18.39
CA VAL A 126 18.20 18.85 19.56
C VAL A 126 19.02 18.69 20.84
N ALA A 127 19.71 17.55 20.97
CA ALA A 127 20.54 17.30 22.15
C ALA A 127 21.57 18.40 22.34
N LEU A 128 22.19 18.85 21.25
CA LEU A 128 23.19 19.92 21.37
C LEU A 128 22.54 21.25 21.77
N ARG A 129 21.30 21.51 21.34
CA ARG A 129 20.63 22.72 21.79
C ARG A 129 20.27 22.62 23.26
N LEU A 130 19.79 21.45 23.68
CA LEU A 130 19.48 21.25 25.09
C LEU A 130 20.73 21.38 25.95
N ALA A 131 21.85 20.81 25.49
CA ALA A 131 23.09 20.91 26.25
C ALA A 131 23.44 22.35 26.56
N GLU A 132 23.33 23.23 25.56
CA GLU A 132 23.65 24.63 25.79
C GLU A 132 22.64 25.29 26.72
N LYS A 133 21.36 24.93 26.57
CA LYS A 133 20.32 25.48 27.43
C LYS A 133 20.42 24.99 28.88
N LEU A 134 21.05 23.84 29.11
CA LEU A 134 21.12 23.24 30.43
C LEU A 134 22.43 23.51 31.14
N LYS A 135 23.24 24.44 30.64
CA LYS A 135 24.51 24.79 31.27
C LYS A 135 24.44 26.17 31.94
N GLY A 144 14.96 24.21 37.67
CA GLY A 144 14.35 23.03 38.26
C GLY A 144 14.47 21.80 37.37
N VAL A 145 15.65 21.59 36.80
CA VAL A 145 15.91 20.47 35.90
C VAL A 145 17.25 19.85 36.27
N GLY A 146 17.29 18.51 36.30
CA GLY A 146 18.54 17.83 36.58
C GLY A 146 19.61 18.14 35.57
N ARG A 147 20.86 17.90 35.94
CA ARG A 147 21.96 18.28 35.06
C ARG A 147 22.25 17.21 34.01
N LEU A 148 22.91 17.65 32.95
CA LEU A 148 23.28 16.78 31.83
C LEU A 148 24.67 16.21 32.07
N CYS A 149 24.77 14.87 32.11
CA CYS A 149 26.01 14.21 32.45
C CYS A 149 26.76 13.63 31.26
N GLY A 150 26.07 13.35 30.16
CA GLY A 150 26.72 12.79 28.99
C GLY A 150 25.84 12.93 27.78
N LEU A 151 26.49 12.84 26.61
CA LEU A 151 25.83 12.98 25.33
C LEU A 151 26.24 11.81 24.45
N VAL A 152 25.27 11.08 23.92
CA VAL A 152 25.51 10.03 22.94
C VAL A 152 24.78 10.42 21.67
N LEU A 153 25.52 10.71 20.61
CA LEU A 153 24.97 11.17 19.35
C LEU A 153 25.11 10.07 18.31
N ILE A 154 24.00 9.65 17.72
CA ILE A 154 23.98 8.59 16.74
C ILE A 154 23.73 9.22 15.37
N ALA A 155 24.70 9.06 14.48
CA ALA A 155 24.66 9.67 13.15
C ALA A 155 24.30 11.15 13.24
N PRO A 156 25.06 11.96 13.98
CA PRO A 156 24.59 13.31 14.31
C PRO A 156 24.37 14.18 13.09
N ALA A 157 23.26 14.93 13.10
CA ALA A 157 22.91 15.84 12.01
C ALA A 157 22.63 17.26 12.51
N PRO A 158 23.56 17.90 13.23
CA PRO A 158 23.34 19.30 13.60
C PRO A 158 23.39 20.21 12.39
N ASP A 159 22.57 21.27 12.44
CA ASP A 159 22.58 22.31 11.42
C ASP A 159 22.36 21.74 10.02
N PHE A 160 21.66 20.60 9.93
CA PHE A 160 21.53 19.91 8.66
C PHE A 160 20.82 20.77 7.62
N THR A 161 19.97 21.71 8.05
CA THR A 161 19.33 22.62 7.10
C THR A 161 20.36 23.52 6.41
N ALA A 162 21.30 24.07 7.17
CA ALA A 162 22.27 25.03 6.64
C ALA A 162 23.54 24.36 6.13
N GLU A 163 23.91 23.20 6.65
CA GLU A 163 25.14 22.52 6.25
C GLU A 163 24.91 21.47 5.16
N LEU A 164 23.80 20.76 5.21
CA LEU A 164 23.56 19.65 4.30
C LEU A 164 22.55 19.94 3.20
N ILE A 165 21.52 20.75 3.49
CA ILE A 165 20.47 21.01 2.51
C ILE A 165 20.80 22.26 1.71
N GLU A 166 20.98 23.38 2.40
CA GLU A 166 21.12 24.67 1.71
C GLU A 166 22.28 24.69 0.70
N PRO A 167 23.49 24.23 1.02
CA PRO A 167 24.56 24.29 0.01
C PRO A 167 24.30 23.42 -1.22
N ASN A 168 23.42 22.42 -1.13
CA ASN A 168 23.16 21.49 -2.23
C ASN A 168 21.81 21.72 -2.90
N LEU A 169 21.10 22.78 -2.52
CA LEU A 169 19.83 23.11 -3.17
C LEU A 169 20.03 23.39 -4.66
N THR A 170 19.22 22.75 -5.49
CA THR A 170 19.21 23.06 -6.91
C THR A 170 18.34 24.27 -7.18
N GLU A 171 18.47 24.81 -8.40
CA GLU A 171 17.61 25.92 -8.81
C GLU A 171 16.13 25.54 -8.69
N ALA A 172 15.78 24.30 -9.05
CA ALA A 172 14.40 23.87 -8.95
C ALA A 172 13.93 23.85 -7.50
N GLU A 173 14.79 23.40 -6.58
CA GLU A 173 14.40 23.36 -5.17
C GLU A 173 14.24 24.76 -4.60
N ARG A 174 15.13 25.69 -4.97
CA ARG A 174 14.98 27.07 -4.52
C ARG A 174 13.73 27.71 -5.10
N THR A 175 13.44 27.44 -6.38
CA THR A 175 12.17 27.89 -6.95
C THR A 175 11.00 27.31 -6.19
N SER A 176 11.06 26.01 -5.87
CA SER A 176 9.96 25.38 -5.16
C SER A 176 9.75 26.01 -3.79
N LEU A 177 10.83 26.20 -3.04
CA LEU A 177 10.73 26.84 -1.74
C LEU A 177 10.09 28.23 -1.84
N ALA A 178 10.41 28.96 -2.90
CA ALA A 178 9.85 30.31 -3.04
C ALA A 178 8.41 30.28 -3.53
N GLU A 179 8.02 29.22 -4.24
CA GLU A 179 6.72 29.13 -4.88
C GLU A 179 5.66 28.53 -3.97
N ARG A 180 5.95 27.40 -3.34
CA ARG A 180 4.96 26.70 -2.54
C ARG A 180 5.37 26.57 -1.09
N GLY A 181 6.59 26.96 -0.73
CA GLY A 181 7.00 26.96 0.65
C GLY A 181 7.66 25.69 1.12
N TYR A 182 8.07 24.82 0.21
CA TYR A 182 8.68 23.55 0.59
C TYR A 182 9.27 22.93 -0.67
N PHE A 183 10.08 21.89 -0.46
CA PHE A 183 10.47 21.00 -1.53
C PHE A 183 10.44 19.57 -0.99
N GLU A 184 10.37 18.61 -1.91
CA GLU A 184 10.26 17.21 -1.53
C GLU A 184 11.51 16.45 -1.94
N GLU A 185 11.86 15.46 -1.12
CA GLU A 185 12.99 14.57 -1.41
C GLU A 185 12.50 13.14 -1.39
N PRO A 186 12.44 12.45 -2.53
CA PRO A 186 12.02 11.05 -2.52
C PRO A 186 12.93 10.21 -1.65
N SER A 187 12.34 9.22 -0.98
CA SER A 187 13.05 8.39 -0.02
C SER A 187 13.26 7.00 -0.59
N GLU A 188 14.42 6.42 -0.28
CA GLU A 188 14.69 5.04 -0.68
C GLU A 188 14.01 4.03 0.24
N TYR A 189 13.57 4.45 1.42
CA TYR A 189 12.95 3.54 2.38
C TYR A 189 11.44 3.43 2.17
N SER A 190 10.75 4.56 2.10
CA SER A 190 9.31 4.63 2.15
C SER A 190 8.73 5.13 0.83
N PRO A 191 7.47 4.79 0.53
CA PRO A 191 6.80 5.46 -0.59
C PRO A 191 6.53 6.93 -0.35
N GLU A 192 6.53 7.37 0.91
CA GLU A 192 6.25 8.77 1.21
C GLU A 192 7.56 9.57 1.14
N PRO A 193 7.62 10.63 0.35
CA PRO A 193 8.84 11.43 0.28
C PRO A 193 8.99 12.34 1.49
N ASN A 194 10.21 12.83 1.68
CA ASN A 194 10.49 13.77 2.76
C ASN A 194 10.12 15.17 2.32
N VAL A 195 9.33 15.86 3.13
CA VAL A 195 9.01 17.26 2.89
C VAL A 195 9.92 18.11 3.75
N PHE A 196 10.49 19.16 3.15
CA PHE A 196 11.35 20.09 3.87
C PHE A 196 10.76 21.48 3.65
N THR A 197 10.03 21.99 4.63
CA THR A 197 9.39 23.29 4.47
C THR A 197 10.41 24.41 4.52
N ARG A 198 10.04 25.55 3.94
CA ARG A 198 10.91 26.72 4.00
C ARG A 198 10.99 27.26 5.43
N ALA A 199 9.92 27.13 6.22
CA ALA A 199 10.00 27.50 7.63
C ALA A 199 11.01 26.66 8.38
N LEU A 200 11.15 25.37 8.03
CA LEU A 200 12.14 24.54 8.71
C LEU A 200 13.55 25.09 8.48
N ILE A 201 13.87 25.42 7.23
CA ILE A 201 15.22 25.90 6.91
C ILE A 201 15.44 27.29 7.48
N GLU A 202 14.45 28.16 7.34
CA GLU A 202 14.55 29.51 7.86
C GLU A 202 14.72 29.50 9.39
N ASP A 203 13.87 28.74 10.08
CA ASP A 203 14.00 28.63 11.53
C ASP A 203 15.27 27.90 11.92
N GLY A 204 15.77 27.00 11.06
CA GLY A 204 17.05 26.37 11.33
C GLY A 204 18.18 27.36 11.53
N ARG A 205 18.13 28.50 10.83
CA ARG A 205 19.18 29.49 10.97
C ARG A 205 19.28 30.02 12.39
N ASN A 206 18.15 30.08 13.12
CA ASN A 206 18.16 30.50 14.51
C ASN A 206 18.61 29.40 15.47
N ASN A 207 18.81 28.18 14.97
CA ASN A 207 19.16 27.05 15.83
C ASN A 207 20.54 26.49 15.53
N LEU A 208 21.36 27.19 14.74
CA LEU A 208 22.66 26.67 14.37
C LEU A 208 23.57 26.56 15.58
N VAL A 209 24.13 25.37 15.79
CA VAL A 209 25.11 25.17 16.86
C VAL A 209 26.54 25.24 16.33
N MET A 210 26.76 24.99 15.05
CA MET A 210 28.10 24.99 14.49
C MET A 210 28.50 26.33 13.89
N LYS A 211 27.76 27.41 14.19
CA LYS A 211 28.19 28.72 13.75
C LYS A 211 29.43 29.18 14.50
N GLY A 212 29.57 28.77 15.75
CA GLY A 212 30.75 29.04 16.53
C GLY A 212 31.20 27.79 17.27
N PRO A 213 31.97 27.97 18.34
CA PRO A 213 32.38 26.81 19.14
C PRO A 213 31.19 26.23 19.89
N ILE A 214 31.27 24.93 20.15
CA ILE A 214 30.22 24.20 20.86
C ILE A 214 30.76 23.81 22.23
N GLU A 215 29.99 24.08 23.26
CA GLU A 215 30.35 23.74 24.64
C GLU A 215 29.18 22.98 25.26
N THR A 216 29.36 21.68 25.44
CA THR A 216 28.31 20.87 26.04
C THR A 216 28.42 20.76 27.56
N GLY A 217 29.59 20.98 28.13
CA GLY A 217 29.74 20.83 29.56
C GLY A 217 29.65 19.40 30.06
N CYS A 218 29.87 18.42 29.19
CA CYS A 218 29.74 17.02 29.56
C CYS A 218 30.45 16.18 28.51
N PRO A 219 30.87 14.96 28.86
CA PRO A 219 31.48 14.08 27.86
C PRO A 219 30.52 13.79 26.72
N VAL A 220 31.08 13.58 25.53
CA VAL A 220 30.29 13.30 24.34
C VAL A 220 30.88 12.08 23.64
N HIS A 221 30.00 11.19 23.19
CA HIS A 221 30.40 10.04 22.39
C HIS A 221 29.52 9.99 21.14
N ILE A 222 30.17 9.85 19.98
CA ILE A 222 29.49 9.86 18.69
C ILE A 222 29.59 8.46 18.08
N LEU A 223 28.46 7.95 17.60
CA LEU A 223 28.42 6.74 16.80
C LEU A 223 28.02 7.12 15.39
N GLN A 224 28.84 6.71 14.41
CA GLN A 224 28.65 7.12 13.02
C GLN A 224 29.06 6.00 12.08
N GLY A 225 28.23 5.74 11.07
CA GLY A 225 28.55 4.75 10.06
C GLY A 225 29.25 5.38 8.87
N MET A 226 30.29 4.70 8.38
CA MET A 226 31.08 5.29 7.31
C MET A 226 30.30 5.34 6.00
N ARG A 227 29.52 4.29 5.74
CA ARG A 227 28.69 4.25 4.54
C ARG A 227 27.32 4.88 4.75
N ASP A 228 27.22 5.88 5.62
CA ASP A 228 25.97 6.59 5.85
C ASP A 228 25.58 7.40 4.61
N PRO A 229 24.49 7.05 3.93
CA PRO A 229 24.12 7.77 2.71
C PRO A 229 23.34 9.06 2.95
N ASP A 230 22.84 9.30 4.15
CA ASP A 230 22.05 10.50 4.43
C ASP A 230 22.88 11.60 5.10
N VAL A 231 23.68 11.24 6.09
CA VAL A 231 24.58 12.17 6.76
C VAL A 231 26.00 11.73 6.45
N PRO A 232 26.76 12.46 5.63
CA PRO A 232 28.14 12.06 5.36
C PRO A 232 28.94 12.07 6.65
N TYR A 233 29.80 11.05 6.81
CA TYR A 233 30.53 10.91 8.06
C TYR A 233 31.47 12.08 8.31
N THR A 234 31.88 12.80 7.26
CA THR A 234 32.69 13.99 7.45
C THR A 234 31.91 15.09 8.19
N HIS A 235 30.59 15.05 8.16
CA HIS A 235 29.80 16.05 8.86
C HIS A 235 30.00 15.94 10.36
N ALA A 236 29.98 14.72 10.89
CA ALA A 236 30.27 14.52 12.31
C ALA A 236 31.71 14.84 12.64
N LEU A 237 32.63 14.71 11.67
CA LEU A 237 33.99 15.18 11.87
C LEU A 237 34.04 16.68 12.06
N LYS A 238 33.33 17.42 11.21
CA LYS A 238 33.24 18.87 11.35
C LYS A 238 32.64 19.22 12.70
N LEU A 239 31.62 18.48 13.12
CA LEU A 239 31.01 18.71 14.42
C LEU A 239 32.04 18.56 15.54
N MET A 240 32.90 17.54 15.44
CA MET A 240 33.93 17.37 16.46
C MET A 240 34.93 18.50 16.45
N GLU A 241 35.20 19.09 15.29
CA GLU A 241 36.14 20.21 15.21
C GLU A 241 35.60 21.46 15.89
N HIS A 242 34.29 21.56 16.08
CA HIS A 242 33.68 22.69 16.74
C HIS A 242 33.62 22.54 18.25
N MET A 243 34.07 21.41 18.79
CA MET A 243 34.03 21.17 20.24
C MET A 243 35.42 21.21 20.83
N PRO A 244 35.86 22.34 21.39
CA PRO A 244 37.21 22.37 21.95
C PRO A 244 37.27 21.98 23.42
N ALA A 245 36.18 22.17 24.15
CA ALA A 245 36.22 22.15 25.61
C ALA A 245 35.98 20.77 26.21
N ASP A 246 35.13 19.96 25.61
CA ASP A 246 34.66 18.74 26.25
C ASP A 246 35.36 17.51 25.70
N ASP A 247 35.37 16.45 26.51
CA ASP A 247 35.91 15.14 26.13
C ASP A 247 34.97 14.49 25.12
N VAL A 248 35.43 14.39 23.88
CA VAL A 248 34.60 13.95 22.76
C VAL A 248 35.30 12.78 22.09
N VAL A 249 34.60 11.65 21.98
CA VAL A 249 35.10 10.46 21.32
C VAL A 249 34.10 10.06 20.25
N MET A 250 34.61 9.47 19.17
CA MET A 250 33.74 8.96 18.12
C MET A 250 34.10 7.51 17.80
N THR A 251 33.06 6.68 17.66
CA THR A 251 33.20 5.32 17.17
C THR A 251 32.72 5.30 15.72
N LEU A 252 33.63 5.01 14.79
CA LEU A 252 33.32 5.00 13.38
C LEU A 252 33.17 3.55 12.91
N ILE A 253 32.00 3.22 12.38
CA ILE A 253 31.69 1.87 11.90
C ILE A 253 31.83 1.85 10.38
N ARG A 254 32.74 1.00 9.88
CA ARG A 254 33.11 1.05 8.48
C ARG A 254 31.94 0.71 7.56
N ASP A 255 31.12 -0.28 7.92
CA ASP A 255 30.00 -0.72 7.10
C ASP A 255 28.66 -0.27 7.63
N GLY A 256 28.62 0.69 8.56
CA GLY A 256 27.36 1.12 9.15
C GLY A 256 26.68 2.16 8.27
N ASP A 257 25.35 2.05 8.18
CA ASP A 257 24.59 3.01 7.40
C ASP A 257 24.07 4.12 8.29
N HIS A 258 22.93 4.72 7.94
CA HIS A 258 22.40 5.80 8.75
C HIS A 258 21.58 5.28 9.93
N ARG A 259 20.79 4.23 9.73
CA ARG A 259 19.86 3.80 10.77
C ARG A 259 20.61 3.17 11.94
N LEU A 260 21.68 2.42 11.66
CA LEU A 260 22.54 1.79 12.67
C LEU A 260 21.71 1.00 13.69
N SER A 261 21.14 -0.10 13.21
CA SER A 261 20.27 -0.90 14.08
C SER A 261 20.51 -2.40 13.98
N ARG A 262 21.58 -2.84 13.30
CA ARG A 262 21.96 -4.24 13.38
C ARG A 262 22.30 -4.59 14.82
N GLU A 263 22.29 -5.89 15.13
CA GLU A 263 22.68 -6.33 16.46
C GLU A 263 24.07 -5.80 16.81
N GLU A 264 24.97 -5.77 15.83
CA GLU A 264 26.31 -5.25 16.07
C GLU A 264 26.29 -3.75 16.35
N ASP A 265 25.41 -3.01 15.66
CA ASP A 265 25.31 -1.57 15.87
C ASP A 265 24.71 -1.26 17.24
N ILE A 266 23.61 -1.93 17.58
CA ILE A 266 22.96 -1.70 18.87
C ILE A 266 23.90 -2.05 20.01
N ALA A 267 24.70 -3.11 19.84
CA ALA A 267 25.66 -3.49 20.87
C ALA A 267 26.62 -2.34 21.18
N LYS A 268 27.14 -1.69 20.14
CA LYS A 268 28.03 -0.56 20.39
C LYS A 268 27.28 0.59 21.04
N LEU A 269 26.00 0.78 20.69
CA LEU A 269 25.21 1.82 21.33
C LEU A 269 25.05 1.54 22.82
N LYS A 270 24.80 0.29 23.18
CA LYS A 270 24.72 -0.08 24.60
C LYS A 270 26.07 0.10 25.28
N GLN A 271 27.17 -0.14 24.55
CA GLN A 271 28.48 0.11 25.12
C GLN A 271 28.72 1.59 25.35
N ALA A 272 28.31 2.44 24.39
CA ALA A 272 28.48 3.87 24.56
C ALA A 272 27.68 4.39 25.75
N ILE A 273 26.46 3.86 25.94
CA ILE A 273 25.65 4.26 27.09
C ILE A 273 26.32 3.82 28.38
N ASP A 274 26.77 2.58 28.44
CA ASP A 274 27.44 2.09 29.64
C ASP A 274 28.68 2.93 29.97
N ALA A 275 29.52 3.19 28.96
CA ALA A 275 30.70 4.00 29.19
C ALA A 275 30.34 5.39 29.71
N MET A 276 29.21 5.92 29.25
CA MET A 276 28.75 7.21 29.71
C MET A 276 28.19 7.12 31.13
N LEU A 277 27.64 5.97 31.50
CA LEU A 277 27.14 5.80 32.87
C LEU A 277 28.28 5.67 33.87
N THR A 278 29.41 5.09 33.47
CA THR A 278 30.52 4.97 34.39
C THR A 278 31.17 6.30 34.67
N LYS A 279 31.09 7.25 33.74
CA LYS A 279 31.57 8.61 33.97
C LYS A 279 30.64 9.26 35.00
N ALA A 280 31.12 9.36 36.23
CA ALA A 280 30.29 9.80 37.37
C ALA A 280 29.56 11.10 37.12
N GLU B 7 -18.20 20.10 -26.68
CA GLU B 7 -19.37 19.43 -26.14
C GLU B 7 -19.57 19.73 -24.65
N THR B 8 -18.62 19.30 -23.82
CA THR B 8 -18.66 19.56 -22.38
C THR B 8 -18.08 20.94 -22.08
N GLU B 9 -18.78 21.69 -21.24
CA GLU B 9 -18.39 23.07 -20.96
C GLU B 9 -17.05 23.14 -20.25
N ILE B 10 -16.30 24.21 -20.52
CA ILE B 10 -15.00 24.45 -19.91
C ILE B 10 -15.21 25.40 -18.74
N THR B 11 -14.76 24.98 -17.56
CA THR B 11 -14.71 25.83 -16.39
C THR B 11 -13.28 25.91 -15.90
N ARG B 12 -13.01 26.91 -15.06
CA ARG B 12 -11.65 27.23 -14.68
C ARG B 12 -11.54 27.46 -13.18
N ILE B 13 -10.37 27.14 -12.64
CA ILE B 13 -9.99 27.46 -11.28
C ILE B 13 -8.59 28.04 -11.30
N GLU B 14 -8.33 28.96 -10.39
CA GLU B 14 -7.00 29.53 -10.21
C GLU B 14 -6.21 28.62 -9.28
N VAL B 15 -5.03 28.21 -9.72
CA VAL B 15 -4.14 27.37 -8.93
C VAL B 15 -2.86 28.16 -8.66
N GLY B 16 -2.33 28.02 -7.45
CA GLY B 16 -1.11 28.70 -7.08
C GLY B 16 -1.36 30.11 -6.56
N THR B 17 -0.35 30.65 -5.91
CA THR B 17 -0.45 31.95 -5.27
C THR B 17 0.59 32.90 -5.87
N GLY B 18 0.38 34.19 -5.62
CA GLY B 18 1.34 35.20 -6.01
C GLY B 18 1.56 35.23 -7.52
N ALA B 19 2.82 35.40 -7.92
CA ALA B 19 3.19 35.40 -9.33
C ALA B 19 3.09 34.02 -9.97
N ALA B 20 2.91 32.97 -9.17
CA ALA B 20 2.78 31.61 -9.70
C ALA B 20 1.33 31.24 -10.00
N ALA B 21 0.38 32.11 -9.68
CA ALA B 21 -1.03 31.81 -9.92
C ALA B 21 -1.30 31.62 -11.41
N ARG B 22 -2.15 30.65 -11.72
CA ARG B 22 -2.44 30.32 -13.10
C ARG B 22 -3.80 29.63 -13.16
N SER B 23 -4.49 29.84 -14.27
CA SER B 23 -5.84 29.31 -14.44
C SER B 23 -5.77 27.97 -15.16
N ILE B 24 -6.47 26.96 -14.61
CA ILE B 24 -6.48 25.61 -15.13
C ILE B 24 -7.86 25.34 -15.72
N ALA B 25 -7.90 24.94 -17.00
CA ALA B 25 -9.15 24.64 -17.68
C ALA B 25 -9.58 23.20 -17.42
N MET B 26 -10.86 23.01 -17.13
CA MET B 26 -11.43 21.69 -16.88
C MET B 26 -12.68 21.48 -17.72
N ARG B 27 -13.00 20.21 -17.97
CA ARG B 27 -14.24 19.79 -18.62
C ARG B 27 -14.86 18.75 -17.70
N ILE B 28 -15.74 19.19 -16.81
CA ILE B 28 -16.36 18.31 -15.82
C ILE B 28 -17.66 17.77 -16.39
N PHE B 29 -17.74 16.46 -16.52
CA PHE B 29 -18.98 15.79 -16.93
C PHE B 29 -19.60 15.08 -15.72
N ARG B 30 -20.92 15.23 -15.59
CA ARG B 30 -21.68 14.59 -14.52
C ARG B 30 -22.89 13.90 -15.13
N THR B 31 -23.01 12.59 -14.86
CA THR B 31 -24.10 11.81 -15.43
C THR B 31 -25.42 12.09 -14.74
N GLY B 40 -21.29 3.47 -4.50
CA GLY B 40 -21.80 3.29 -5.85
C GLY B 40 -22.76 4.38 -6.27
N ASP B 41 -23.93 4.40 -5.66
CA ASP B 41 -24.93 5.43 -5.89
C ASP B 41 -24.67 6.61 -4.94
N PRO B 42 -24.47 6.38 -3.63
CA PRO B 42 -24.01 7.49 -2.79
C PRO B 42 -22.56 7.85 -3.02
N ARG B 43 -21.75 6.95 -3.58
CA ARG B 43 -20.36 7.22 -3.89
C ARG B 43 -20.11 7.10 -5.39
N ARG B 44 -20.84 7.86 -6.19
CA ARG B 44 -20.70 7.85 -7.64
C ARG B 44 -19.24 8.07 -8.02
N PRO B 45 -18.57 7.07 -8.60
CA PRO B 45 -17.17 7.25 -8.95
C PRO B 45 -16.99 8.24 -10.10
N ALA B 46 -15.84 8.89 -10.10
CA ALA B 46 -15.45 9.79 -11.17
C ALA B 46 -14.22 9.24 -11.87
N LEU B 47 -14.27 9.18 -13.19
CA LEU B 47 -13.06 8.97 -13.98
C LEU B 47 -12.31 10.30 -14.07
N VAL B 48 -11.00 10.24 -13.90
CA VAL B 48 -10.14 11.42 -13.98
C VAL B 48 -9.08 11.14 -15.03
N TRP B 49 -9.04 11.95 -16.09
CA TRP B 49 -8.02 11.83 -17.12
C TRP B 49 -6.79 12.65 -16.74
N LEU B 50 -5.62 12.09 -17.02
CA LEU B 50 -4.33 12.79 -16.82
C LEU B 50 -3.46 12.50 -18.03
N GLY B 51 -3.32 13.49 -18.91
CA GLY B 51 -2.64 13.28 -20.18
C GLY B 51 -1.13 13.36 -20.08
N GLY B 52 -0.49 13.07 -21.22
CA GLY B 52 0.94 13.09 -21.33
C GLY B 52 1.50 14.47 -21.58
N TYR B 53 2.82 14.52 -21.75
CA TYR B 53 3.54 15.76 -22.04
C TYR B 53 3.02 16.38 -23.32
N ARG B 54 2.65 17.65 -23.25
CA ARG B 54 2.10 18.39 -24.39
C ARG B 54 0.84 17.75 -24.97
N SER B 55 0.15 16.93 -24.17
CA SER B 55 -1.14 16.37 -24.59
C SER B 55 -2.24 17.41 -24.40
N ASP B 56 -3.46 17.01 -24.77
CA ASP B 56 -4.62 17.87 -24.83
C ASP B 56 -5.84 17.09 -24.35
N MET B 57 -6.68 17.72 -23.51
CA MET B 57 -7.84 17.01 -23.00
C MET B 57 -8.88 16.72 -24.08
N THR B 58 -8.71 17.25 -25.29
CA THR B 58 -9.57 16.88 -26.42
C THR B 58 -8.96 15.77 -27.27
N GLY B 59 -7.88 15.14 -26.81
CA GLY B 59 -7.26 14.06 -27.55
C GLY B 59 -8.14 12.82 -27.61
N THR B 60 -7.67 11.85 -28.41
CA THR B 60 -8.47 10.65 -28.68
C THR B 60 -8.76 9.87 -27.41
N LYS B 61 -7.73 9.58 -26.61
CA LYS B 61 -7.96 8.78 -25.41
C LYS B 61 -8.84 9.52 -24.41
N ALA B 62 -8.65 10.84 -24.28
CA ALA B 62 -9.40 11.58 -23.26
C ALA B 62 -10.88 11.65 -23.60
N VAL B 63 -11.21 11.83 -24.88
CA VAL B 63 -12.61 11.86 -25.31
C VAL B 63 -13.27 10.51 -25.05
N GLU B 64 -12.54 9.41 -25.29
CA GLU B 64 -13.09 8.08 -25.08
C GLU B 64 -13.34 7.81 -23.59
N VAL B 65 -12.52 8.37 -22.72
CA VAL B 65 -12.72 8.18 -21.29
C VAL B 65 -14.01 8.84 -20.83
N GLU B 66 -14.30 10.05 -21.32
CA GLU B 66 -15.58 10.67 -21.00
C GLU B 66 -16.73 9.92 -21.64
N ARG B 67 -16.50 9.40 -22.86
CA ARG B 67 -17.52 8.56 -23.47
C ARG B 67 -17.79 7.33 -22.61
N HIS B 68 -16.73 6.72 -22.08
CA HIS B 68 -16.92 5.55 -21.21
C HIS B 68 -17.69 5.92 -19.95
N ALA B 69 -17.42 7.11 -19.40
CA ALA B 69 -18.19 7.57 -18.25
C ALA B 69 -19.65 7.80 -18.61
N ARG B 70 -19.91 8.36 -19.79
CA ARG B 70 -21.30 8.54 -20.23
C ARG B 70 -22.01 7.20 -20.36
N GLU B 71 -21.29 6.17 -20.82
CA GLU B 71 -21.88 4.84 -20.97
C GLU B 71 -21.98 4.11 -19.65
N ALA B 72 -20.98 4.25 -18.78
CA ALA B 72 -20.99 3.54 -17.51
C ALA B 72 -21.83 4.24 -16.45
N GLY B 73 -22.32 5.45 -16.73
CA GLY B 73 -23.13 6.16 -15.75
C GLY B 73 -22.32 6.76 -14.62
N THR B 74 -21.12 7.22 -14.90
CA THR B 74 -20.25 7.85 -13.92
C THR B 74 -19.88 9.26 -14.37
N ASP B 75 -19.24 9.99 -13.47
CA ASP B 75 -18.71 11.30 -13.79
C ASP B 75 -17.35 11.17 -14.48
N CYS B 76 -16.91 12.25 -15.11
CA CYS B 76 -15.61 12.29 -15.74
C CYS B 76 -14.96 13.66 -15.51
N ILE B 77 -13.69 13.64 -15.11
CA ILE B 77 -12.92 14.86 -14.85
C ILE B 77 -11.79 14.93 -15.87
N ARG B 78 -11.90 15.86 -16.82
CA ARG B 78 -10.83 16.16 -17.76
C ARG B 78 -10.29 17.55 -17.49
N PHE B 79 -9.00 17.73 -17.69
CA PHE B 79 -8.39 19.04 -17.48
C PHE B 79 -7.05 19.10 -18.21
N ASP B 80 -6.58 20.33 -18.43
CA ASP B 80 -5.31 20.58 -19.10
C ASP B 80 -4.30 21.11 -18.09
N TYR B 81 -3.09 20.54 -18.13
CA TYR B 81 -2.00 21.10 -17.35
C TYR B 81 -1.71 22.53 -17.80
N SER B 82 -1.00 23.28 -16.94
CA SER B 82 -0.62 24.63 -17.32
C SER B 82 0.31 24.56 -18.54
N GLY B 83 0.07 25.44 -19.51
CA GLY B 83 0.81 25.35 -20.75
C GLY B 83 0.28 24.33 -21.73
N HIS B 84 -0.78 23.59 -21.37
CA HIS B 84 -1.41 22.61 -22.26
C HIS B 84 -2.80 23.06 -22.62
N GLY B 85 -3.22 22.76 -23.85
CA GLY B 85 -4.58 22.99 -24.30
C GLY B 85 -5.18 24.33 -23.93
N ALA B 86 -6.31 24.31 -23.23
CA ALA B 86 -7.03 25.54 -22.90
C ALA B 86 -6.55 26.19 -21.61
N SER B 87 -5.58 25.61 -20.91
CA SER B 87 -5.07 26.20 -19.69
C SER B 87 -4.08 27.32 -20.00
N ASP B 88 -3.89 28.21 -19.02
CA ASP B 88 -2.98 29.32 -19.18
C ASP B 88 -1.52 28.83 -19.18
N GLY B 89 -0.65 29.63 -19.79
CA GLY B 89 0.78 29.48 -19.60
C GLY B 89 1.48 28.83 -20.77
N ASP B 90 2.80 28.84 -20.66
CA ASP B 90 3.71 28.20 -21.61
C ASP B 90 4.26 26.92 -20.98
N TYR B 91 4.10 25.79 -21.67
CA TYR B 91 4.50 24.51 -21.10
C TYR B 91 6.00 24.48 -20.76
N ARG B 92 6.81 25.31 -21.39
CA ARG B 92 8.23 25.41 -21.08
C ARG B 92 8.50 26.04 -19.71
N ASP B 93 7.48 26.63 -19.07
CA ASP B 93 7.59 27.10 -17.70
C ASP B 93 7.11 26.07 -16.69
N GLY B 94 6.62 24.91 -17.14
CA GLY B 94 6.02 23.96 -16.24
C GLY B 94 7.02 23.01 -15.63
N THR B 95 6.61 22.40 -14.52
CA THR B 95 7.37 21.35 -13.88
C THR B 95 6.41 20.24 -13.48
N ILE B 96 6.97 19.07 -13.17
CA ILE B 96 6.15 18.01 -12.60
C ILE B 96 5.48 18.49 -11.32
N SER B 97 6.20 19.24 -10.49
CA SER B 97 5.62 19.74 -9.25
C SER B 97 4.39 20.61 -9.52
N ARG B 98 4.50 21.51 -10.50
CA ARG B 98 3.38 22.39 -10.82
C ARG B 98 2.20 21.59 -11.37
N TRP B 99 2.48 20.59 -12.21
CA TRP B 99 1.40 19.84 -12.82
C TRP B 99 0.75 18.86 -11.85
N VAL B 100 1.51 18.30 -10.91
CA VAL B 100 0.90 17.54 -9.83
C VAL B 100 0.04 18.45 -8.97
N GLU B 101 0.54 19.66 -8.71
CA GLU B 101 -0.19 20.65 -7.94
C GLU B 101 -1.54 20.98 -8.57
N GLU B 102 -1.55 21.20 -9.88
CA GLU B 102 -2.79 21.56 -10.55
C GLU B 102 -3.76 20.38 -10.57
N SER B 103 -3.24 19.18 -10.86
CA SER B 103 -4.06 17.98 -10.82
C SER B 103 -4.72 17.77 -9.46
N LEU B 104 -3.97 17.98 -8.39
CA LEU B 104 -4.55 17.85 -7.06
C LEU B 104 -5.63 18.90 -6.83
N ALA B 105 -5.42 20.12 -7.34
CA ALA B 105 -6.43 21.17 -7.17
C ALA B 105 -7.69 20.86 -7.97
N VAL B 106 -7.54 20.33 -9.19
CA VAL B 106 -8.71 19.99 -9.98
C VAL B 106 -9.48 18.85 -9.32
N ILE B 107 -8.75 17.88 -8.77
CA ILE B 107 -9.39 16.78 -8.06
C ILE B 107 -10.13 17.29 -6.83
N ASP B 108 -9.51 18.20 -6.08
CA ASP B 108 -10.15 18.70 -4.87
C ASP B 108 -11.37 19.55 -5.19
N HIS B 109 -11.40 20.18 -6.36
CA HIS B 109 -12.52 21.05 -6.69
C HIS B 109 -13.68 20.30 -7.33
N ALA B 110 -13.39 19.26 -8.10
CA ALA B 110 -14.41 18.60 -8.91
C ALA B 110 -14.56 17.12 -8.60
N ALA B 111 -13.45 16.40 -8.48
CA ALA B 111 -13.49 14.95 -8.31
C ALA B 111 -14.14 14.58 -6.99
N THR B 112 -15.46 14.42 -7.01
CA THR B 112 -16.23 14.11 -5.81
C THR B 112 -16.23 12.60 -5.57
N GLY B 113 -16.03 12.21 -4.32
CA GLY B 113 -16.11 10.83 -3.89
C GLY B 113 -15.04 9.88 -4.42
N ARG B 114 -15.49 8.74 -4.92
CA ARG B 114 -14.56 7.73 -5.41
C ARG B 114 -13.95 8.16 -6.74
N MET B 115 -12.67 7.86 -6.90
CA MET B 115 -11.89 8.29 -8.05
C MET B 115 -11.17 7.10 -8.67
N ILE B 116 -11.14 7.09 -10.00
CA ILE B 116 -10.24 6.24 -10.76
C ILE B 116 -9.43 7.17 -11.65
N LEU B 117 -8.15 7.32 -11.36
CA LEU B 117 -7.26 8.13 -12.17
C LEU B 117 -6.77 7.32 -13.37
N ILE B 118 -6.88 7.91 -14.56
CA ILE B 118 -6.42 7.30 -15.81
C ILE B 118 -5.31 8.19 -16.35
N GLY B 119 -4.06 7.80 -16.12
CA GLY B 119 -2.90 8.59 -16.51
C GLY B 119 -2.18 7.96 -17.69
N SER B 120 -1.90 8.79 -18.69
CA SER B 120 -1.21 8.38 -19.91
C SER B 120 0.17 9.01 -19.96
N SER B 121 1.20 8.18 -20.12
CA SER B 121 2.58 8.64 -20.21
C SER B 121 2.95 9.48 -19.00
N MET B 122 3.18 10.79 -19.19
CA MET B 122 3.50 11.65 -18.05
C MET B 122 2.36 11.70 -17.05
N GLY B 123 1.12 11.58 -17.52
CA GLY B 123 -0.02 11.55 -16.60
C GLY B 123 0.05 10.38 -15.63
N ALA B 124 0.67 9.28 -16.04
CA ALA B 124 0.83 8.15 -15.11
C ALA B 124 1.78 8.50 -13.98
N TRP B 125 2.83 9.27 -14.28
CA TRP B 125 3.71 9.80 -13.24
C TRP B 125 2.93 10.70 -12.29
N VAL B 126 2.06 11.54 -12.84
CA VAL B 126 1.25 12.42 -12.00
C VAL B 126 0.28 11.61 -11.16
N ALA B 127 -0.34 10.60 -11.77
CA ALA B 127 -1.29 9.75 -11.04
C ALA B 127 -0.60 9.03 -9.89
N LEU B 128 0.62 8.55 -10.10
CA LEU B 128 1.32 7.89 -9.01
C LEU B 128 1.67 8.87 -7.90
N ARG B 129 2.03 10.11 -8.26
CA ARG B 129 2.26 11.12 -7.23
C ARG B 129 0.98 11.45 -6.49
N LEU B 130 -0.13 11.56 -7.22
CA LEU B 130 -1.41 11.83 -6.57
C LEU B 130 -1.82 10.69 -5.66
N ALA B 131 -1.63 9.44 -6.10
CA ALA B 131 -1.96 8.29 -5.27
C ALA B 131 -1.20 8.34 -3.95
N GLU B 132 0.06 8.77 -3.99
CA GLU B 132 0.84 8.88 -2.76
C GLU B 132 0.28 9.98 -1.86
N LYS B 133 -0.15 11.10 -2.46
CA LYS B 133 -0.64 12.22 -1.67
C LYS B 133 -2.05 11.99 -1.17
N LEU B 134 -2.86 11.22 -1.90
CA LEU B 134 -4.23 10.95 -1.48
C LEU B 134 -4.34 9.72 -0.58
N LYS B 135 -3.23 9.24 -0.05
CA LYS B 135 -3.24 8.08 0.84
C LYS B 135 -2.73 8.45 2.22
N GLY B 146 -11.67 13.26 -2.62
CA GLY B 146 -12.17 11.97 -2.18
C GLY B 146 -11.09 10.97 -1.80
N ARG B 147 -11.12 9.80 -2.43
CA ARG B 147 -10.11 8.77 -2.19
C ARG B 147 -10.00 7.89 -3.44
N LEU B 148 -8.79 7.38 -3.68
CA LEU B 148 -8.51 6.60 -4.88
C LEU B 148 -8.92 5.15 -4.72
N CYS B 149 -9.63 4.62 -5.72
CA CYS B 149 -10.03 3.21 -5.70
C CYS B 149 -9.55 2.46 -6.94
N GLY B 150 -8.70 3.07 -7.77
CA GLY B 150 -8.15 2.42 -8.94
C GLY B 150 -7.24 3.31 -9.75
N LEU B 151 -6.24 2.73 -10.38
CA LEU B 151 -5.33 3.44 -11.28
C LEU B 151 -5.24 2.66 -12.58
N VAL B 152 -5.52 3.34 -13.70
CA VAL B 152 -5.31 2.81 -15.04
C VAL B 152 -4.18 3.63 -15.65
N LEU B 153 -3.05 2.98 -15.94
CA LEU B 153 -1.88 3.68 -16.47
C LEU B 153 -1.66 3.23 -17.91
N ILE B 154 -1.70 4.17 -18.85
CA ILE B 154 -1.49 3.90 -20.27
C ILE B 154 -0.09 4.38 -20.62
N ALA B 155 0.73 3.47 -21.13
CA ALA B 155 2.11 3.77 -21.52
C ALA B 155 2.83 4.55 -20.42
N PRO B 156 2.91 3.99 -19.21
CA PRO B 156 3.36 4.80 -18.06
C PRO B 156 4.80 5.26 -18.22
N ALA B 157 5.04 6.53 -17.90
CA ALA B 157 6.39 7.11 -17.98
C ALA B 157 6.77 7.78 -16.66
N PRO B 158 6.77 7.04 -15.55
CA PRO B 158 7.23 7.65 -14.29
C PRO B 158 8.72 7.93 -14.33
N ASP B 159 9.11 9.03 -13.70
CA ASP B 159 10.51 9.41 -13.55
C ASP B 159 11.22 9.54 -14.89
N PHE B 160 10.48 9.87 -15.95
CA PHE B 160 11.05 9.84 -17.29
C PHE B 160 12.20 10.83 -17.46
N THR B 161 12.28 11.87 -16.63
CA THR B 161 13.41 12.79 -16.68
C THR B 161 14.70 12.09 -16.26
N ALA B 162 14.65 11.37 -15.14
CA ALA B 162 15.86 10.72 -14.64
C ALA B 162 16.10 9.35 -15.28
N GLU B 163 15.05 8.65 -15.68
CA GLU B 163 15.19 7.30 -16.21
C GLU B 163 15.38 7.25 -17.72
N LEU B 164 14.74 8.16 -18.47
CA LEU B 164 14.76 8.10 -19.92
C LEU B 164 15.52 9.25 -20.58
N ILE B 165 15.41 10.46 -20.04
CA ILE B 165 16.10 11.60 -20.66
C ILE B 165 17.55 11.65 -20.22
N GLU B 166 17.79 11.77 -18.91
CA GLU B 166 19.15 11.96 -18.41
C GLU B 166 20.14 10.90 -18.88
N PRO B 167 19.85 9.59 -18.82
CA PRO B 167 20.85 8.62 -19.28
C PRO B 167 21.17 8.70 -20.76
N ASN B 168 20.32 9.33 -21.57
CA ASN B 168 20.55 9.41 -23.01
C ASN B 168 20.93 10.81 -23.46
N LEU B 169 21.29 11.69 -22.54
CA LEU B 169 21.72 13.03 -22.91
C LEU B 169 23.07 12.97 -23.61
N THR B 170 23.16 13.60 -24.77
CA THR B 170 24.45 13.76 -25.43
C THR B 170 25.24 14.85 -24.73
N GLU B 171 26.53 14.94 -25.10
CA GLU B 171 27.36 16.02 -24.58
C GLU B 171 26.80 17.39 -24.97
N ALA B 172 26.28 17.49 -26.20
CA ALA B 172 25.71 18.77 -26.65
C ALA B 172 24.46 19.13 -25.85
N GLU B 173 23.63 18.14 -25.53
CA GLU B 173 22.42 18.43 -24.78
C GLU B 173 22.73 18.80 -23.34
N ARG B 174 23.76 18.17 -22.75
CA ARG B 174 24.18 18.59 -21.41
C ARG B 174 24.75 20.00 -21.42
N THR B 175 25.49 20.34 -22.48
CA THR B 175 26.04 21.69 -22.59
C THR B 175 24.94 22.73 -22.75
N SER B 176 23.96 22.47 -23.62
CA SER B 176 22.92 23.46 -23.81
C SER B 176 22.04 23.58 -22.58
N LEU B 177 21.89 22.50 -21.82
CA LEU B 177 21.20 22.60 -20.53
C LEU B 177 21.95 23.55 -19.60
N ALA B 178 23.28 23.47 -19.57
CA ALA B 178 24.08 24.33 -18.71
C ALA B 178 24.18 25.75 -19.27
N GLU B 179 24.29 25.90 -20.59
CA GLU B 179 24.47 27.21 -21.19
C GLU B 179 23.14 27.97 -21.30
N ARG B 180 22.07 27.28 -21.70
CA ARG B 180 20.80 27.93 -22.03
C ARG B 180 19.64 27.50 -21.15
N GLY B 181 19.78 26.47 -20.32
CA GLY B 181 18.67 26.04 -19.48
C GLY B 181 17.66 25.14 -20.14
N TYR B 182 17.97 24.61 -21.32
CA TYR B 182 17.05 23.72 -22.03
C TYR B 182 17.81 23.11 -23.21
N PHE B 183 17.23 22.06 -23.77
CA PHE B 183 17.66 21.53 -25.05
C PHE B 183 16.41 21.19 -25.87
N GLU B 184 16.59 21.05 -27.18
CA GLU B 184 15.48 20.89 -28.11
C GLU B 184 15.58 19.54 -28.83
N GLU B 185 14.42 18.97 -29.12
CA GLU B 185 14.30 17.75 -29.91
C GLU B 185 13.42 18.01 -31.12
N PRO B 186 13.97 18.09 -32.33
CA PRO B 186 13.14 18.33 -33.51
C PRO B 186 12.05 17.28 -33.66
N SER B 187 10.88 17.70 -34.12
CA SER B 187 9.74 16.83 -34.28
C SER B 187 9.55 16.48 -35.75
N GLU B 188 9.30 15.21 -36.02
CA GLU B 188 9.03 14.77 -37.39
C GLU B 188 7.57 14.90 -37.77
N TYR B 189 6.73 15.42 -36.87
CA TYR B 189 5.31 15.58 -37.16
C TYR B 189 4.84 17.02 -37.08
N SER B 190 5.49 17.86 -36.30
CA SER B 190 5.13 19.26 -36.21
C SER B 190 6.35 20.13 -36.46
N PRO B 191 6.15 21.33 -37.02
CA PRO B 191 7.30 22.23 -37.18
C PRO B 191 7.90 22.67 -35.85
N GLU B 192 7.12 22.66 -34.78
CA GLU B 192 7.63 23.11 -33.48
C GLU B 192 8.48 22.01 -32.88
N PRO B 193 9.73 22.29 -32.53
CA PRO B 193 10.53 21.29 -31.82
C PRO B 193 10.02 21.07 -30.41
N ASN B 194 10.40 19.94 -29.85
CA ASN B 194 10.10 19.62 -28.47
C ASN B 194 11.21 20.16 -27.57
N VAL B 195 10.82 20.76 -26.45
CA VAL B 195 11.75 21.42 -25.54
C VAL B 195 11.72 20.70 -24.20
N PHE B 196 12.91 20.48 -23.63
CA PHE B 196 13.06 19.96 -22.27
C PHE B 196 13.95 20.92 -21.50
N THR B 197 13.39 21.56 -20.50
CA THR B 197 14.14 22.55 -19.74
C THR B 197 14.91 21.90 -18.61
N ARG B 198 15.97 22.60 -18.17
CA ARG B 198 16.70 22.15 -17.00
C ARG B 198 15.81 22.09 -15.77
N ALA B 199 14.88 23.05 -15.64
CA ALA B 199 13.96 23.06 -14.51
C ALA B 199 13.12 21.79 -14.46
N LEU B 200 12.57 21.37 -15.62
CA LEU B 200 11.80 20.13 -15.65
C LEU B 200 12.62 18.94 -15.19
N ILE B 201 13.89 18.88 -15.61
CA ILE B 201 14.73 17.74 -15.27
C ILE B 201 15.20 17.83 -13.81
N GLU B 202 15.53 19.04 -13.35
CA GLU B 202 15.93 19.20 -11.95
C GLU B 202 14.77 18.92 -11.02
N ASP B 203 13.61 19.54 -11.28
CA ASP B 203 12.45 19.33 -10.44
C ASP B 203 11.94 17.90 -10.53
N GLY B 204 12.20 17.23 -11.66
CA GLY B 204 11.90 15.82 -11.77
C GLY B 204 12.49 15.00 -10.64
N ARG B 205 13.73 15.33 -10.23
CA ARG B 205 14.37 14.60 -9.13
C ARG B 205 13.57 14.70 -7.84
N ASN B 206 12.87 15.81 -7.61
CA ASN B 206 12.08 15.94 -6.40
C ASN B 206 10.72 15.23 -6.51
N ASN B 207 10.47 14.54 -7.62
CA ASN B 207 9.19 13.87 -7.86
C ASN B 207 9.35 12.39 -8.20
N LEU B 208 10.55 11.83 -8.12
CA LEU B 208 10.76 10.44 -8.50
C LEU B 208 9.93 9.51 -7.63
N VAL B 209 9.24 8.57 -8.26
CA VAL B 209 8.44 7.60 -7.51
C VAL B 209 9.21 6.29 -7.45
N MET B 210 10.10 6.06 -8.41
CA MET B 210 10.82 4.80 -8.52
C MET B 210 12.14 4.82 -7.76
N LYS B 211 12.23 5.65 -6.74
CA LYS B 211 13.29 5.59 -5.74
C LYS B 211 12.61 5.04 -4.48
N GLY B 212 12.99 3.83 -4.08
CA GLY B 212 12.30 3.16 -3.00
C GLY B 212 10.96 2.61 -3.46
N PRO B 213 10.24 1.98 -2.54
CA PRO B 213 8.98 1.34 -2.92
C PRO B 213 7.89 2.34 -3.24
N ILE B 214 6.89 1.86 -3.97
CA ILE B 214 5.72 2.64 -4.36
C ILE B 214 4.50 1.96 -3.75
N GLU B 215 3.69 2.74 -3.04
CA GLU B 215 2.42 2.26 -2.50
C GLU B 215 1.32 3.19 -2.99
N THR B 216 0.31 2.63 -3.65
CA THR B 216 -0.81 3.41 -4.15
C THR B 216 -2.09 3.24 -3.36
N GLY B 217 -2.21 2.17 -2.57
CA GLY B 217 -3.43 1.96 -1.80
C GLY B 217 -4.65 1.61 -2.62
N CYS B 218 -4.49 1.25 -3.89
CA CYS B 218 -5.61 0.92 -4.77
C CYS B 218 -5.10 -0.03 -5.85
N PRO B 219 -5.96 -0.89 -6.39
CA PRO B 219 -5.52 -1.76 -7.49
C PRO B 219 -5.06 -0.92 -8.68
N VAL B 220 -4.10 -1.47 -9.43
CA VAL B 220 -3.47 -0.77 -10.53
C VAL B 220 -3.48 -1.67 -11.76
N HIS B 221 -3.97 -1.14 -12.89
CA HIS B 221 -3.87 -1.83 -14.18
C HIS B 221 -3.06 -0.97 -15.14
N ILE B 222 -2.09 -1.60 -15.81
CA ILE B 222 -1.17 -0.93 -16.72
C ILE B 222 -1.42 -1.44 -18.13
N LEU B 223 -1.59 -0.51 -19.06
CA LEU B 223 -1.62 -0.82 -20.49
C LEU B 223 -0.30 -0.37 -21.10
N GLN B 224 0.38 -1.29 -21.80
CA GLN B 224 1.69 -1.02 -22.37
C GLN B 224 1.80 -1.74 -23.71
N GLY B 225 2.41 -1.08 -24.69
CA GLY B 225 2.72 -1.70 -25.96
C GLY B 225 4.19 -2.09 -26.03
N MET B 226 4.43 -3.33 -26.48
CA MET B 226 5.81 -3.80 -26.63
C MET B 226 6.57 -2.99 -27.66
N ARG B 227 5.87 -2.45 -28.66
CA ARG B 227 6.51 -1.67 -29.72
C ARG B 227 6.51 -0.17 -29.40
N ASP B 228 6.46 0.19 -28.14
CA ASP B 228 6.47 1.60 -27.76
C ASP B 228 7.83 2.20 -28.09
N PRO B 229 7.91 3.16 -29.03
CA PRO B 229 9.23 3.74 -29.37
C PRO B 229 9.69 4.81 -28.41
N ASP B 230 8.79 5.43 -27.66
CA ASP B 230 9.15 6.54 -26.77
C ASP B 230 9.41 6.08 -25.34
N VAL B 231 8.64 5.13 -24.83
CA VAL B 231 8.88 4.56 -23.51
C VAL B 231 9.08 3.07 -23.66
N PRO B 232 10.31 2.56 -23.50
CA PRO B 232 10.53 1.11 -23.66
C PRO B 232 9.63 0.36 -22.69
N TYR B 233 9.05 -0.74 -23.17
CA TYR B 233 8.10 -1.46 -22.33
C TYR B 233 8.75 -2.00 -21.07
N THR B 234 10.07 -2.18 -21.08
CA THR B 234 10.78 -2.59 -19.88
C THR B 234 10.68 -1.54 -18.77
N HIS B 235 10.50 -0.27 -19.14
CA HIS B 235 10.36 0.79 -18.14
C HIS B 235 9.15 0.54 -17.26
N ALA B 236 8.06 0.06 -17.85
CA ALA B 236 6.87 -0.25 -17.10
C ALA B 236 7.02 -1.53 -16.28
N LEU B 237 7.92 -2.44 -16.69
CA LEU B 237 8.25 -3.56 -15.80
C LEU B 237 8.97 -3.06 -14.57
N LYS B 238 9.92 -2.14 -14.75
CA LYS B 238 10.64 -1.58 -13.60
C LYS B 238 9.67 -0.92 -12.63
N LEU B 239 8.67 -0.22 -13.16
CA LEU B 239 7.64 0.38 -12.32
C LEU B 239 6.90 -0.68 -11.51
N MET B 240 6.54 -1.81 -12.14
CA MET B 240 5.80 -2.84 -11.41
C MET B 240 6.65 -3.47 -10.32
N GLU B 241 7.95 -3.61 -10.55
CA GLU B 241 8.83 -4.18 -9.53
C GLU B 241 8.96 -3.30 -8.31
N HIS B 242 8.63 -2.02 -8.43
CA HIS B 242 8.67 -1.10 -7.30
C HIS B 242 7.36 -1.06 -6.52
N MET B 243 6.34 -1.80 -6.96
CA MET B 243 5.02 -1.79 -6.35
C MET B 243 4.78 -3.07 -5.54
N PRO B 244 3.87 -3.03 -4.54
CA PRO B 244 3.73 -4.18 -3.64
C PRO B 244 3.21 -5.43 -4.33
N ALA B 245 3.14 -6.53 -3.58
CA ALA B 245 2.65 -7.81 -4.13
C ALA B 245 1.15 -7.91 -3.87
N ASP B 246 0.40 -7.05 -4.55
CA ASP B 246 -1.06 -7.08 -4.46
C ASP B 246 -1.66 -6.26 -5.58
N ASP B 247 -2.39 -6.93 -6.48
CA ASP B 247 -3.26 -6.32 -7.49
C ASP B 247 -2.58 -5.19 -8.26
N VAL B 248 -1.49 -5.56 -8.92
CA VAL B 248 -0.90 -4.73 -9.97
C VAL B 248 -0.83 -5.62 -11.20
N VAL B 249 -1.57 -5.26 -12.23
CA VAL B 249 -1.68 -6.08 -13.44
C VAL B 249 -1.29 -5.23 -14.64
N MET B 250 -0.65 -5.85 -15.63
CA MET B 250 -0.28 -5.18 -16.86
C MET B 250 -0.79 -5.96 -18.06
N THR B 251 -1.44 -5.25 -18.99
CA THR B 251 -1.80 -5.79 -20.29
C THR B 251 -0.73 -5.32 -21.26
N LEU B 252 0.09 -6.26 -21.71
CA LEU B 252 1.18 -5.98 -22.65
C LEU B 252 0.69 -6.33 -24.05
N ILE B 253 0.67 -5.32 -24.93
CA ILE B 253 0.17 -5.47 -26.30
C ILE B 253 1.38 -5.59 -27.21
N ARG B 254 1.46 -6.71 -27.94
CA ARG B 254 2.64 -7.01 -28.74
C ARG B 254 2.93 -5.94 -29.77
N ASP B 255 1.89 -5.46 -30.46
CA ASP B 255 2.04 -4.51 -31.56
C ASP B 255 1.59 -3.11 -31.19
N GLY B 256 1.45 -2.81 -29.89
CA GLY B 256 1.07 -1.46 -29.50
C GLY B 256 2.25 -0.50 -29.51
N ASP B 257 1.96 0.77 -29.84
CA ASP B 257 2.97 1.81 -29.81
C ASP B 257 2.79 2.64 -28.53
N HIS B 258 3.27 3.88 -28.55
CA HIS B 258 3.13 4.73 -27.37
C HIS B 258 1.76 5.37 -27.28
N ARG B 259 1.13 5.65 -28.42
CA ARG B 259 -0.17 6.31 -28.39
C ARG B 259 -1.26 5.39 -27.84
N LEU B 260 -1.24 4.13 -28.27
CA LEU B 260 -2.26 3.14 -27.88
C LEU B 260 -3.66 3.70 -28.12
N SER B 261 -3.87 4.27 -29.30
CA SER B 261 -5.14 4.93 -29.61
C SER B 261 -5.87 4.29 -30.80
N ARG B 262 -5.47 3.09 -31.22
CA ARG B 262 -6.27 2.38 -32.21
C ARG B 262 -7.56 1.88 -31.57
N GLU B 263 -8.54 1.55 -32.42
CA GLU B 263 -9.81 1.02 -31.93
C GLU B 263 -9.61 -0.16 -30.99
N GLU B 264 -8.70 -1.08 -31.35
CA GLU B 264 -8.42 -2.22 -30.48
C GLU B 264 -7.75 -1.78 -29.18
N ASP B 265 -6.94 -0.73 -29.22
CA ASP B 265 -6.32 -0.25 -28.00
C ASP B 265 -7.35 0.43 -27.10
N ILE B 266 -8.21 1.26 -27.67
CA ILE B 266 -9.25 1.91 -26.87
C ILE B 266 -10.14 0.86 -26.22
N ALA B 267 -10.44 -0.23 -26.95
CA ALA B 267 -11.24 -1.32 -26.39
C ALA B 267 -10.64 -1.85 -25.10
N LYS B 268 -9.33 -2.17 -25.13
CA LYS B 268 -8.67 -2.67 -23.92
C LYS B 268 -8.65 -1.62 -22.82
N LEU B 269 -8.60 -0.32 -23.19
CA LEU B 269 -8.68 0.72 -22.18
C LEU B 269 -10.03 0.71 -21.49
N LYS B 270 -11.12 0.57 -22.26
CA LYS B 270 -12.44 0.51 -21.66
C LYS B 270 -12.60 -0.75 -20.80
N GLN B 271 -12.02 -1.87 -21.25
CA GLN B 271 -12.02 -3.07 -20.43
C GLN B 271 -11.29 -2.84 -19.12
N ALA B 272 -10.17 -2.12 -19.16
CA ALA B 272 -9.43 -1.84 -17.93
C ALA B 272 -10.23 -0.94 -16.99
N ILE B 273 -10.88 0.09 -17.54
CA ILE B 273 -11.72 0.96 -16.72
C ILE B 273 -12.86 0.16 -16.08
N ASP B 274 -13.52 -0.68 -16.88
CA ASP B 274 -14.62 -1.47 -16.34
C ASP B 274 -14.16 -2.38 -15.22
N ALA B 275 -12.99 -3.02 -15.40
CA ALA B 275 -12.45 -3.87 -14.35
C ALA B 275 -12.23 -3.09 -13.07
N MET B 276 -11.71 -1.86 -13.18
CA MET B 276 -11.53 -1.04 -12.00
C MET B 276 -12.85 -0.63 -11.38
N LEU B 277 -13.90 -0.50 -12.19
CA LEU B 277 -15.21 -0.13 -11.66
C LEU B 277 -15.89 -1.27 -10.93
N THR B 278 -15.57 -2.53 -11.28
CA THR B 278 -16.17 -3.67 -10.60
C THR B 278 -15.52 -3.95 -9.25
N LYS B 279 -14.29 -3.51 -9.03
CA LYS B 279 -13.62 -3.67 -7.75
C LYS B 279 -13.73 -2.42 -6.90
N ALA B 280 -14.96 -1.91 -6.78
CA ALA B 280 -15.27 -0.71 -6.00
C ALA B 280 -14.42 0.48 -6.45
N GLU C 7 -16.87 -35.87 -12.71
CA GLU C 7 -18.10 -35.81 -13.50
C GLU C 7 -17.89 -36.38 -14.92
N THR C 8 -16.76 -36.04 -15.54
CA THR C 8 -16.42 -36.53 -16.86
C THR C 8 -15.57 -37.80 -16.76
N GLU C 9 -16.03 -38.87 -17.41
CA GLU C 9 -15.39 -40.16 -17.25
C GLU C 9 -14.15 -40.28 -18.15
N ILE C 10 -13.27 -41.19 -17.76
CA ILE C 10 -12.00 -41.38 -18.41
C ILE C 10 -12.18 -42.32 -19.60
N THR C 11 -11.69 -41.90 -20.77
CA THR C 11 -11.56 -42.76 -21.92
C THR C 11 -10.07 -42.83 -22.29
N ARG C 12 -9.69 -43.86 -23.02
CA ARG C 12 -8.27 -44.13 -23.21
C ARG C 12 -7.96 -44.50 -24.66
N ILE C 13 -6.76 -44.14 -25.08
CA ILE C 13 -6.21 -44.58 -26.36
C ILE C 13 -4.80 -45.11 -26.11
N GLU C 14 -4.36 -46.02 -26.97
CA GLU C 14 -3.02 -46.57 -26.89
C GLU C 14 -2.11 -45.79 -27.83
N VAL C 15 -1.01 -45.27 -27.31
CA VAL C 15 -0.04 -44.50 -28.07
C VAL C 15 1.29 -45.25 -28.07
N GLY C 16 1.93 -45.33 -29.23
CA GLY C 16 3.20 -46.00 -29.36
C GLY C 16 3.05 -47.49 -29.64
N THR C 17 4.10 -48.07 -30.20
CA THR C 17 4.10 -49.47 -30.58
C THR C 17 5.19 -50.21 -29.81
N GLY C 18 5.00 -51.53 -29.65
CA GLY C 18 5.98 -52.34 -28.97
C GLY C 18 6.06 -52.00 -27.49
N ALA C 19 7.28 -52.07 -26.95
CA ALA C 19 7.48 -51.74 -25.55
C ALA C 19 7.21 -50.28 -25.25
N ALA C 20 7.16 -49.42 -26.26
CA ALA C 20 6.82 -48.01 -26.07
C ALA C 20 5.32 -47.76 -26.05
N ALA C 21 4.51 -48.78 -26.31
CA ALA C 21 3.06 -48.62 -26.25
C ALA C 21 2.62 -48.28 -24.84
N ARG C 22 1.70 -47.33 -24.73
CA ARG C 22 1.25 -46.84 -23.43
C ARG C 22 -0.18 -46.33 -23.54
N SER C 23 -0.96 -46.57 -22.49
CA SER C 23 -2.35 -46.13 -22.44
C SER C 23 -2.42 -44.70 -21.92
N ILE C 24 -3.10 -43.84 -22.66
CA ILE C 24 -3.24 -42.43 -22.32
C ILE C 24 -4.66 -42.18 -21.85
N ALA C 25 -4.80 -41.75 -20.60
CA ALA C 25 -6.12 -41.44 -20.06
C ALA C 25 -6.58 -40.07 -20.54
N MET C 26 -7.84 -39.98 -20.92
CA MET C 26 -8.45 -38.73 -21.38
C MET C 26 -9.81 -38.53 -20.74
N ARG C 27 -10.15 -37.28 -20.49
CA ARG C 27 -11.51 -36.88 -20.11
C ARG C 27 -12.02 -35.94 -21.20
N ILE C 28 -12.92 -36.44 -22.03
CA ILE C 28 -13.49 -35.69 -23.14
C ILE C 28 -14.88 -35.21 -22.73
N PHE C 29 -15.03 -33.90 -22.54
CA PHE C 29 -16.34 -33.32 -22.27
C PHE C 29 -17.00 -32.90 -23.57
N ARG C 30 -18.30 -33.19 -23.69
CA ARG C 30 -19.10 -32.85 -24.86
C ARG C 30 -20.28 -31.99 -24.40
N THR C 31 -20.39 -30.80 -24.97
CA THR C 31 -21.44 -29.87 -24.58
C THR C 31 -22.80 -30.35 -25.09
N GLY C 32 -23.86 -29.73 -24.58
CA GLY C 32 -25.22 -30.03 -25.00
C GLY C 32 -25.90 -28.88 -25.70
N PRO C 45 -15.96 -25.09 -31.13
CA PRO C 45 -14.67 -24.54 -30.69
C PRO C 45 -14.22 -25.11 -29.35
N ALA C 46 -13.71 -26.34 -29.34
CA ALA C 46 -13.38 -27.03 -28.10
C ALA C 46 -12.18 -26.40 -27.41
N LEU C 47 -12.11 -26.56 -26.09
CA LEU C 47 -10.94 -26.21 -25.31
C LEU C 47 -10.08 -27.45 -25.11
N VAL C 48 -8.77 -27.30 -25.29
CA VAL C 48 -7.82 -28.39 -25.08
C VAL C 48 -6.82 -27.94 -24.02
N TRP C 49 -6.57 -28.81 -23.05
CA TRP C 49 -5.66 -28.52 -21.96
C TRP C 49 -4.36 -29.30 -22.12
N LEU C 50 -3.23 -28.64 -21.86
CA LEU C 50 -1.91 -29.25 -21.86
C LEU C 50 -1.22 -28.85 -20.57
N GLY C 51 -1.04 -29.82 -19.66
CA GLY C 51 -0.58 -29.52 -18.32
C GLY C 51 0.93 -29.42 -18.21
N GLY C 52 1.37 -29.23 -16.97
CA GLY C 52 2.77 -29.03 -16.65
C GLY C 52 3.56 -30.32 -16.54
N TYR C 53 4.82 -30.16 -16.15
CA TYR C 53 5.81 -31.24 -16.26
C TYR C 53 5.45 -32.44 -15.41
N ARG C 54 5.02 -32.22 -14.16
CA ARG C 54 4.66 -33.34 -13.30
C ARG C 54 3.29 -33.11 -12.67
N SER C 55 2.35 -32.59 -13.45
CA SER C 55 0.98 -32.37 -13.03
C SER C 55 0.07 -33.43 -13.63
N ASP C 56 -1.24 -33.25 -13.46
CA ASP C 56 -2.20 -34.13 -14.12
C ASP C 56 -3.51 -33.38 -14.29
N MET C 57 -4.41 -33.99 -15.07
CA MET C 57 -5.63 -33.36 -15.53
C MET C 57 -6.61 -33.01 -14.42
N THR C 58 -6.41 -33.48 -13.19
CA THR C 58 -7.31 -33.12 -12.10
C THR C 58 -6.83 -31.89 -11.34
N GLY C 59 -5.78 -31.23 -11.82
CA GLY C 59 -5.31 -30.03 -11.19
C GLY C 59 -6.32 -28.90 -11.26
N THR C 60 -6.09 -27.91 -10.39
CA THR C 60 -7.03 -26.80 -10.25
C THR C 60 -7.34 -26.16 -11.61
N LYS C 61 -6.29 -25.75 -12.34
CA LYS C 61 -6.51 -25.02 -13.58
C LYS C 61 -7.15 -25.91 -14.64
N ALA C 62 -6.73 -27.17 -14.72
CA ALA C 62 -7.33 -28.09 -15.68
C ALA C 62 -8.83 -28.28 -15.38
N VAL C 63 -9.17 -28.46 -14.11
CA VAL C 63 -10.58 -28.62 -13.74
C VAL C 63 -11.37 -27.37 -14.10
N GLU C 64 -10.76 -26.18 -13.97
CA GLU C 64 -11.46 -24.94 -14.27
C GLU C 64 -11.60 -24.70 -15.76
N VAL C 65 -10.78 -25.34 -16.59
CA VAL C 65 -10.90 -25.17 -18.03
C VAL C 65 -12.12 -25.91 -18.56
N GLU C 66 -12.29 -27.18 -18.18
CA GLU C 66 -13.51 -27.89 -18.55
C GLU C 66 -14.72 -27.22 -17.95
N ARG C 67 -14.56 -26.60 -16.80
CA ARG C 67 -15.65 -25.87 -16.20
C ARG C 67 -16.00 -24.62 -17.00
N HIS C 68 -14.97 -23.99 -17.60
CA HIS C 68 -15.25 -22.89 -18.51
C HIS C 68 -15.97 -23.36 -19.75
N ALA C 69 -15.57 -24.54 -20.27
CA ALA C 69 -16.25 -25.10 -21.44
C ALA C 69 -17.73 -25.36 -21.16
N ARG C 70 -18.05 -25.78 -19.92
CA ARG C 70 -19.45 -26.02 -19.56
C ARG C 70 -20.28 -24.75 -19.60
N GLU C 71 -19.65 -23.59 -19.38
CA GLU C 71 -20.38 -22.33 -19.37
C GLU C 71 -20.43 -21.67 -20.74
N ALA C 72 -19.40 -21.89 -21.57
CA ALA C 72 -19.38 -21.30 -22.90
C ALA C 72 -20.12 -22.14 -23.93
N GLY C 73 -20.57 -23.33 -23.55
CA GLY C 73 -21.27 -24.22 -24.47
C GLY C 73 -20.35 -24.82 -25.50
N THR C 74 -19.24 -25.40 -25.06
CA THR C 74 -18.27 -26.00 -25.96
C THR C 74 -17.68 -27.25 -25.33
N ASP C 75 -16.95 -28.01 -26.14
CA ASP C 75 -16.30 -29.22 -25.65
C ASP C 75 -15.01 -28.87 -24.92
N CYS C 76 -14.48 -29.87 -24.20
CA CYS C 76 -13.20 -29.74 -23.54
C CYS C 76 -12.45 -31.06 -23.64
N ILE C 77 -11.16 -30.97 -23.95
CA ILE C 77 -10.29 -32.14 -24.08
C ILE C 77 -9.20 -32.01 -23.03
N ARG C 78 -9.19 -32.94 -22.08
CA ARG C 78 -8.13 -33.06 -21.10
C ARG C 78 -7.55 -34.48 -21.15
N PHE C 79 -6.25 -34.59 -20.88
CA PHE C 79 -5.59 -35.88 -20.87
C PHE C 79 -4.38 -35.80 -19.95
N ASP C 80 -3.82 -36.96 -19.64
CA ASP C 80 -2.60 -37.08 -18.85
C ASP C 80 -1.47 -37.60 -19.73
N TYR C 81 -0.33 -36.92 -19.70
CA TYR C 81 0.87 -37.43 -20.37
C TYR C 81 1.24 -38.80 -19.79
N SER C 82 1.97 -39.58 -20.59
CA SER C 82 2.54 -40.82 -20.08
C SER C 82 3.40 -40.52 -18.86
N GLY C 83 3.28 -41.37 -17.84
CA GLY C 83 3.97 -41.11 -16.60
C GLY C 83 3.32 -40.07 -15.71
N HIS C 84 2.16 -39.58 -16.10
CA HIS C 84 1.42 -38.56 -15.35
C HIS C 84 0.02 -39.06 -15.08
N GLY C 85 -0.50 -38.73 -13.90
CA GLY C 85 -1.90 -38.99 -13.57
C GLY C 85 -2.33 -40.44 -13.73
N ALA C 86 -3.34 -40.67 -14.57
CA ALA C 86 -3.91 -41.99 -14.74
C ALA C 86 -3.41 -42.70 -15.99
N SER C 87 -2.31 -42.23 -16.57
CA SER C 87 -1.72 -42.84 -17.76
C SER C 87 -0.56 -43.75 -17.37
N ASP C 88 -0.26 -44.70 -18.25
CA ASP C 88 0.80 -45.65 -18.00
C ASP C 88 2.16 -44.97 -17.98
N GLY C 89 3.14 -45.67 -17.41
CA GLY C 89 4.54 -45.35 -17.57
C GLY C 89 5.10 -44.53 -16.41
N ASP C 90 6.43 -44.47 -16.39
CA ASP C 90 7.18 -43.64 -15.46
C ASP C 90 7.56 -42.35 -16.16
N TYR C 91 7.33 -41.21 -15.48
CA TYR C 91 7.58 -39.92 -16.11
C TYR C 91 9.06 -39.73 -16.45
N ARG C 92 9.96 -40.45 -15.78
CA ARG C 92 11.38 -40.37 -16.08
C ARG C 92 11.75 -41.01 -17.41
N ASP C 93 10.84 -41.80 -18.00
CA ASP C 93 11.04 -42.33 -19.34
C ASP C 93 10.51 -41.41 -20.43
N GLY C 94 9.87 -40.30 -20.06
CA GLY C 94 9.24 -39.44 -21.05
C GLY C 94 10.19 -38.40 -21.64
N THR C 95 9.79 -37.88 -22.80
CA THR C 95 10.45 -36.78 -23.46
C THR C 95 9.40 -35.82 -23.99
N ILE C 96 9.83 -34.63 -24.41
CA ILE C 96 8.92 -33.70 -25.07
C ILE C 96 8.30 -34.34 -26.31
N SER C 97 9.13 -34.96 -27.16
CA SER C 97 8.61 -35.64 -28.34
C SER C 97 7.52 -36.65 -27.98
N ARG C 98 7.76 -37.47 -26.94
CA ARG C 98 6.77 -38.46 -26.52
C ARG C 98 5.47 -37.79 -26.11
N TRP C 99 5.57 -36.67 -25.38
CA TRP C 99 4.37 -36.04 -24.89
C TRP C 99 3.67 -35.23 -25.98
N VAL C 100 4.43 -34.67 -26.93
CA VAL C 100 3.81 -34.07 -28.10
C VAL C 100 3.05 -35.12 -28.89
N GLU C 101 3.65 -36.31 -29.05
CA GLU C 101 2.98 -37.40 -29.76
C GLU C 101 1.65 -37.74 -29.11
N GLU C 102 1.63 -37.84 -27.78
CA GLU C 102 0.40 -38.17 -27.08
C GLU C 102 -0.64 -37.07 -27.26
N SER C 103 -0.23 -35.81 -27.21
CA SER C 103 -1.17 -34.70 -27.42
C SER C 103 -1.78 -34.74 -28.81
N LEU C 104 -0.95 -34.96 -29.84
CA LEU C 104 -1.46 -35.11 -31.20
C LEU C 104 -2.48 -36.24 -31.28
N ALA C 105 -2.15 -37.39 -30.69
CA ALA C 105 -3.04 -38.54 -30.78
C ALA C 105 -4.37 -38.25 -30.10
N VAL C 106 -4.33 -37.54 -28.97
CA VAL C 106 -5.56 -37.23 -28.26
C VAL C 106 -6.39 -36.21 -29.04
N ILE C 107 -5.73 -35.26 -29.69
CA ILE C 107 -6.44 -34.27 -30.49
C ILE C 107 -7.09 -34.92 -31.70
N ASP C 108 -6.33 -35.76 -32.41
CA ASP C 108 -6.88 -36.44 -33.58
C ASP C 108 -8.06 -37.33 -33.20
N HIS C 109 -8.05 -37.90 -32.00
CA HIS C 109 -9.12 -38.80 -31.58
C HIS C 109 -10.36 -38.03 -31.12
N ALA C 110 -10.17 -36.91 -30.44
CA ALA C 110 -11.27 -36.21 -29.78
C ALA C 110 -11.72 -34.94 -30.47
N ALA C 111 -10.79 -34.10 -30.93
CA ALA C 111 -11.16 -32.78 -31.46
C ALA C 111 -11.92 -32.95 -32.77
N THR C 112 -13.21 -32.64 -32.74
CA THR C 112 -14.06 -32.76 -33.92
C THR C 112 -14.07 -31.50 -34.77
N GLY C 113 -13.26 -30.49 -34.43
CA GLY C 113 -13.23 -29.28 -35.22
C GLY C 113 -12.25 -28.25 -34.68
N ARG C 114 -12.68 -27.00 -34.64
CA ARG C 114 -11.82 -25.93 -34.15
C ARG C 114 -11.52 -26.11 -32.67
N MET C 115 -10.39 -25.55 -32.23
CA MET C 115 -10.00 -25.71 -30.84
C MET C 115 -9.14 -24.52 -30.41
N ILE C 116 -9.15 -24.28 -29.10
CA ILE C 116 -8.28 -23.32 -28.45
C ILE C 116 -7.37 -24.11 -27.52
N LEU C 117 -6.06 -24.05 -27.79
CA LEU C 117 -5.10 -24.75 -26.95
C LEU C 117 -4.75 -23.92 -25.72
N ILE C 118 -4.87 -24.53 -24.55
CA ILE C 118 -4.53 -23.89 -23.29
C ILE C 118 -3.39 -24.67 -22.66
N GLY C 119 -2.21 -24.08 -22.64
CA GLY C 119 -1.00 -24.76 -22.18
C GLY C 119 -0.40 -24.04 -20.99
N SER C 120 -0.03 -24.82 -19.97
CA SER C 120 0.54 -24.30 -18.73
C SER C 120 1.95 -24.83 -18.55
N SER C 121 2.92 -23.91 -18.45
CA SER C 121 4.33 -24.23 -18.25
C SER C 121 4.81 -25.13 -19.38
N MET C 122 5.19 -26.38 -19.08
CA MET C 122 5.60 -27.30 -20.13
C MET C 122 4.51 -27.52 -21.17
N GLY C 123 3.24 -27.43 -20.75
CA GLY C 123 2.15 -27.54 -21.70
C GLY C 123 2.15 -26.43 -22.72
N ALA C 124 2.61 -25.23 -22.35
CA ALA C 124 2.76 -24.17 -23.34
C ALA C 124 3.80 -24.53 -24.38
N TRP C 125 4.90 -25.18 -23.96
CA TRP C 125 5.88 -25.67 -24.93
C TRP C 125 5.24 -26.71 -25.85
N VAL C 126 4.46 -27.63 -25.29
CA VAL C 126 3.76 -28.61 -26.10
C VAL C 126 2.75 -27.92 -27.02
N ALA C 127 2.04 -26.92 -26.49
CA ALA C 127 1.05 -26.22 -27.31
C ALA C 127 1.72 -25.56 -28.51
N LEU C 128 2.89 -24.96 -28.32
CA LEU C 128 3.57 -24.28 -29.42
C LEU C 128 4.06 -25.28 -30.47
N ARG C 129 4.46 -26.48 -30.06
CA ARG C 129 4.81 -27.50 -31.05
C ARG C 129 3.58 -27.96 -31.82
N LEU C 130 2.46 -28.14 -31.12
CA LEU C 130 1.21 -28.50 -31.79
C LEU C 130 0.76 -27.40 -32.76
N ALA C 131 0.97 -26.14 -32.38
CA ALA C 131 0.57 -25.03 -33.24
C ALA C 131 1.27 -25.08 -34.59
N GLU C 132 2.52 -25.56 -34.62
CA GLU C 132 3.24 -25.63 -35.88
C GLU C 132 2.72 -26.77 -36.75
N LYS C 133 2.41 -27.92 -36.15
CA LYS C 133 1.87 -29.03 -36.94
C LYS C 133 0.43 -28.80 -37.36
N LEU C 134 -0.27 -27.84 -36.73
CA LEU C 134 -1.65 -27.55 -37.05
C LEU C 134 -1.81 -26.60 -38.23
N LYS C 135 -0.82 -26.53 -39.11
CA LYS C 135 -0.91 -25.73 -40.33
C LYS C 135 -0.28 -26.48 -41.50
N GLY C 146 -7.81 -30.65 -36.66
CA GLY C 146 -8.54 -29.39 -36.56
C GLY C 146 -7.70 -28.17 -36.87
N ARG C 147 -8.29 -26.98 -36.67
CA ARG C 147 -7.61 -25.72 -36.94
C ARG C 147 -7.57 -24.89 -35.65
N LEU C 148 -6.44 -24.20 -35.46
CA LEU C 148 -6.23 -23.39 -34.26
C LEU C 148 -6.99 -22.08 -34.33
N CYS C 149 -7.73 -21.77 -33.25
CA CYS C 149 -8.42 -20.50 -33.15
C CYS C 149 -7.83 -19.58 -32.07
N GLY C 150 -7.06 -20.11 -31.13
CA GLY C 150 -6.47 -19.27 -30.12
C GLY C 150 -5.50 -20.07 -29.27
N LEU C 151 -4.64 -19.32 -28.58
CA LEU C 151 -3.61 -19.89 -27.73
C LEU C 151 -3.64 -19.16 -26.40
N VAL C 152 -3.76 -19.92 -25.31
CA VAL C 152 -3.66 -19.36 -23.96
C VAL C 152 -2.50 -20.08 -23.28
N LEU C 153 -1.44 -19.33 -22.98
CA LEU C 153 -0.22 -19.89 -22.40
C LEU C 153 -0.11 -19.38 -20.96
N ILE C 154 -0.04 -20.30 -20.02
CA ILE C 154 -0.04 -19.98 -18.59
C ILE C 154 1.34 -20.31 -18.05
N ALA C 155 2.02 -19.29 -17.52
CA ALA C 155 3.40 -19.41 -17.06
C ALA C 155 4.24 -20.18 -18.09
N PRO C 156 4.26 -19.73 -19.35
CA PRO C 156 4.80 -20.57 -20.42
C PRO C 156 6.26 -20.93 -20.19
N ALA C 157 6.60 -22.20 -20.40
CA ALA C 157 7.97 -22.70 -20.23
C ALA C 157 8.47 -23.37 -21.50
N PRO C 158 8.51 -22.66 -22.62
CA PRO C 158 9.07 -23.26 -23.84
C PRO C 158 10.57 -23.33 -23.74
N ASP C 159 11.14 -24.41 -24.30
CA ASP C 159 12.58 -24.57 -24.42
C ASP C 159 13.28 -24.52 -23.06
N PHE C 160 12.56 -24.92 -22.01
CA PHE C 160 13.09 -24.74 -20.66
C PHE C 160 14.31 -25.62 -20.41
N THR C 161 14.44 -26.74 -21.11
CA THR C 161 15.63 -27.57 -20.94
C THR C 161 16.88 -26.82 -21.37
N ALA C 162 16.80 -26.11 -22.50
CA ALA C 162 17.97 -25.40 -23.04
C ALA C 162 18.09 -23.99 -22.50
N GLU C 163 16.97 -23.35 -22.17
CA GLU C 163 16.97 -21.97 -21.72
C GLU C 163 17.14 -21.84 -20.21
N LEU C 164 16.52 -22.73 -19.43
CA LEU C 164 16.50 -22.59 -17.98
C LEU C 164 17.33 -23.63 -17.25
N ILE C 165 17.28 -24.89 -17.67
CA ILE C 165 17.98 -25.95 -16.92
C ILE C 165 19.45 -25.99 -17.28
N GLU C 166 19.75 -25.94 -18.59
CA GLU C 166 21.14 -26.12 -19.03
C GLU C 166 22.07 -25.01 -18.55
N PRO C 167 21.76 -23.73 -18.70
CA PRO C 167 22.73 -22.69 -18.28
C PRO C 167 22.94 -22.63 -16.78
N ASN C 168 22.09 -23.26 -15.97
CA ASN C 168 22.19 -23.21 -14.52
C ASN C 168 22.59 -24.56 -13.91
N LEU C 169 23.27 -25.40 -14.69
CA LEU C 169 23.73 -26.69 -14.20
C LEU C 169 25.03 -26.54 -13.44
N THR C 170 25.07 -27.06 -12.21
CA THR C 170 26.32 -27.14 -11.48
C THR C 170 27.19 -28.25 -12.06
N GLU C 171 28.51 -28.11 -11.88
CA GLU C 171 29.43 -29.15 -12.34
C GLU C 171 29.12 -30.50 -11.72
N ALA C 172 28.59 -30.49 -10.48
CA ALA C 172 28.16 -31.75 -9.86
C ALA C 172 26.87 -32.26 -10.49
N GLU C 173 26.05 -31.38 -11.05
CA GLU C 173 24.80 -31.81 -11.68
C GLU C 173 25.06 -32.45 -13.04
N ARG C 174 25.93 -31.85 -13.85
CA ARG C 174 26.25 -32.44 -15.15
C ARG C 174 27.09 -33.71 -14.99
N THR C 175 27.86 -33.81 -13.90
CA THR C 175 28.55 -35.07 -13.63
C THR C 175 27.55 -36.20 -13.41
N SER C 176 26.43 -35.90 -12.73
CA SER C 176 25.37 -36.89 -12.59
C SER C 176 24.74 -37.23 -13.93
N LEU C 177 24.53 -36.22 -14.79
CA LEU C 177 23.96 -36.48 -16.10
C LEU C 177 24.90 -37.30 -16.98
N ALA C 178 26.20 -37.29 -16.69
CA ALA C 178 27.18 -38.04 -17.47
C ALA C 178 27.37 -39.46 -16.97
N GLU C 179 27.42 -39.65 -15.65
CA GLU C 179 27.63 -40.97 -15.08
C GLU C 179 26.33 -41.68 -14.73
N ARG C 180 25.24 -40.93 -14.57
CA ARG C 180 23.97 -41.53 -14.16
C ARG C 180 22.85 -41.33 -15.17
N GLY C 181 23.00 -40.43 -16.14
CA GLY C 181 21.96 -40.19 -17.12
C GLY C 181 20.81 -39.34 -16.64
N TYR C 182 20.96 -38.66 -15.50
CA TYR C 182 19.91 -37.81 -14.95
C TYR C 182 20.53 -36.90 -13.91
N PHE C 183 19.70 -36.02 -13.34
CA PHE C 183 20.12 -35.23 -12.19
C PHE C 183 18.88 -34.89 -11.37
N GLU C 184 19.10 -34.72 -10.06
CA GLU C 184 18.04 -34.55 -9.09
C GLU C 184 17.98 -33.09 -8.64
N GLU C 185 16.76 -32.56 -8.52
CA GLU C 185 16.54 -31.21 -8.04
C GLU C 185 15.84 -31.27 -6.69
N PRO C 186 16.40 -30.67 -5.64
CA PRO C 186 15.81 -30.69 -4.29
C PRO C 186 14.45 -30.00 -4.24
N PRO C 191 7.81 -33.52 -1.38
CA PRO C 191 8.91 -34.16 -0.65
C PRO C 191 9.74 -35.09 -1.53
N GLU C 192 9.21 -35.40 -2.72
CA GLU C 192 9.92 -36.20 -3.71
C GLU C 192 10.61 -35.29 -4.72
N PRO C 193 11.90 -35.48 -4.97
CA PRO C 193 12.65 -34.52 -5.79
C PRO C 193 12.39 -34.70 -7.28
N ASN C 194 12.35 -33.55 -7.98
CA ASN C 194 12.20 -33.58 -9.44
C ASN C 194 13.47 -34.15 -10.07
N VAL C 195 13.28 -35.09 -10.98
CA VAL C 195 14.39 -35.72 -11.69
C VAL C 195 14.31 -35.30 -13.15
N PHE C 196 15.39 -34.71 -13.65
CA PHE C 196 15.51 -34.34 -15.05
C PHE C 196 16.50 -35.29 -15.70
N THR C 197 16.04 -36.05 -16.69
CA THR C 197 16.88 -37.05 -17.32
C THR C 197 17.73 -36.43 -18.42
N ARG C 198 18.84 -37.10 -18.71
CA ARG C 198 19.68 -36.70 -19.82
C ARG C 198 18.91 -36.76 -21.14
N ALA C 199 18.02 -37.75 -21.28
CA ALA C 199 17.23 -37.86 -22.51
C ALA C 199 16.25 -36.70 -22.66
N LEU C 200 15.67 -36.24 -21.54
CA LEU C 200 14.77 -35.10 -21.61
C LEU C 200 15.50 -33.85 -22.09
N ILE C 201 16.73 -33.62 -21.60
CA ILE C 201 17.48 -32.43 -22.00
C ILE C 201 17.93 -32.55 -23.44
N GLU C 202 18.36 -33.74 -23.86
CA GLU C 202 18.81 -33.91 -25.24
C GLU C 202 17.65 -33.78 -26.22
N ASP C 203 16.53 -34.47 -25.94
CA ASP C 203 15.36 -34.35 -26.81
C ASP C 203 14.80 -32.93 -26.83
N GLY C 204 15.01 -32.16 -25.75
CA GLY C 204 14.53 -30.80 -25.71
C GLY C 204 15.15 -29.90 -26.76
N ARG C 205 16.41 -30.15 -27.12
CA ARG C 205 17.06 -29.35 -28.15
C ARG C 205 16.49 -29.60 -29.53
N ASN C 206 15.83 -30.74 -29.73
CA ASN C 206 15.15 -31.04 -30.98
C ASN C 206 13.71 -30.51 -31.02
N ASN C 207 13.24 -29.94 -29.91
CA ASN C 207 11.87 -29.41 -29.84
C ASN C 207 11.84 -27.92 -29.52
N LEU C 208 12.97 -27.22 -29.63
CA LEU C 208 13.02 -25.80 -29.34
C LEU C 208 12.12 -25.03 -30.28
N VAL C 209 11.30 -24.14 -29.72
CA VAL C 209 10.40 -23.32 -30.52
C VAL C 209 10.90 -21.89 -30.67
N MET C 210 11.75 -21.42 -29.77
CA MET C 210 12.30 -20.06 -29.90
C MET C 210 13.49 -20.02 -30.85
N LYS C 211 13.40 -20.77 -31.96
CA LYS C 211 14.43 -20.82 -32.98
C LYS C 211 14.37 -19.64 -33.95
N GLY C 212 13.34 -18.80 -33.85
CA GLY C 212 13.17 -17.69 -34.73
C GLY C 212 11.77 -17.13 -34.61
N PRO C 213 11.25 -16.54 -35.68
CA PRO C 213 9.86 -16.05 -35.65
C PRO C 213 8.88 -17.19 -35.44
N ILE C 214 7.86 -16.93 -34.62
CA ILE C 214 6.87 -17.92 -34.24
C ILE C 214 5.51 -17.44 -34.76
N GLU C 215 5.06 -18.04 -35.85
CA GLU C 215 3.77 -17.69 -36.45
C GLU C 215 2.76 -18.78 -36.07
N THR C 216 1.86 -18.44 -35.14
CA THR C 216 0.81 -19.38 -34.74
C THR C 216 -0.44 -19.29 -35.60
N GLY C 217 -0.60 -18.22 -36.37
CA GLY C 217 -1.80 -18.03 -37.15
C GLY C 217 -3.07 -17.82 -36.36
N CYS C 218 -2.97 -17.53 -35.07
CA CYS C 218 -4.15 -17.34 -34.22
C CYS C 218 -3.79 -16.35 -33.13
N PRO C 219 -4.79 -15.72 -32.52
CA PRO C 219 -4.50 -14.84 -31.37
C PRO C 219 -3.85 -15.62 -30.25
N VAL C 220 -2.99 -14.94 -29.51
CA VAL C 220 -2.24 -15.54 -28.42
C VAL C 220 -2.43 -14.70 -27.16
N HIS C 221 -2.65 -15.36 -26.03
CA HIS C 221 -2.73 -14.70 -24.75
C HIS C 221 -1.83 -15.42 -23.76
N ILE C 222 -0.95 -14.69 -23.09
CA ILE C 222 0.00 -15.23 -22.11
C ILE C 222 -0.38 -14.71 -20.74
N LEU C 223 -0.42 -15.61 -19.76
CA LEU C 223 -0.61 -15.25 -18.36
C LEU C 223 0.67 -15.59 -17.62
N GLN C 224 1.18 -14.64 -16.85
CA GLN C 224 2.48 -14.81 -16.22
C GLN C 224 2.49 -14.03 -14.91
N GLY C 225 3.14 -14.61 -13.91
CA GLY C 225 3.29 -13.98 -12.61
C GLY C 225 4.71 -13.46 -12.47
N MET C 226 4.84 -12.25 -11.92
CA MET C 226 6.16 -11.67 -11.76
C MET C 226 6.93 -12.35 -10.64
N ARG C 227 6.23 -12.93 -9.67
CA ARG C 227 6.86 -13.65 -8.57
C ARG C 227 7.01 -15.14 -8.86
N ASP C 228 7.01 -15.51 -10.14
CA ASP C 228 7.20 -16.90 -10.53
C ASP C 228 8.62 -17.34 -10.20
N PRO C 229 8.80 -18.37 -9.37
CA PRO C 229 10.17 -18.77 -8.98
C PRO C 229 10.79 -19.81 -9.90
N ASP C 230 9.98 -20.45 -10.75
CA ASP C 230 10.46 -21.51 -11.63
C ASP C 230 10.66 -21.04 -13.06
N VAL C 231 9.71 -20.26 -13.59
CA VAL C 231 9.84 -19.67 -14.90
C VAL C 231 9.92 -18.16 -14.72
N PRO C 232 11.11 -17.57 -14.80
CA PRO C 232 11.23 -16.12 -14.67
C PRO C 232 10.33 -15.44 -15.69
N TYR C 233 9.68 -14.35 -15.27
CA TYR C 233 8.73 -13.71 -16.15
C TYR C 233 9.39 -13.15 -17.40
N THR C 234 10.70 -12.88 -17.35
CA THR C 234 11.40 -12.44 -18.55
C THR C 234 11.46 -13.54 -19.61
N HIS C 235 11.43 -14.81 -19.18
CA HIS C 235 11.35 -15.92 -20.13
C HIS C 235 10.07 -15.84 -20.96
N ALA C 236 8.94 -15.57 -20.30
CA ALA C 236 7.70 -15.32 -21.02
C ALA C 236 7.82 -14.10 -21.93
N LEU C 237 8.50 -13.05 -21.47
CA LEU C 237 8.69 -11.88 -22.31
C LEU C 237 9.54 -12.21 -23.53
N LYS C 238 10.60 -13.01 -23.33
CA LYS C 238 11.41 -13.43 -24.46
C LYS C 238 10.60 -14.24 -25.47
N LEU C 239 9.69 -15.10 -24.97
CA LEU C 239 8.81 -15.84 -25.87
C LEU C 239 7.91 -14.90 -26.65
N MET C 240 7.32 -13.93 -25.96
CA MET C 240 6.44 -12.97 -26.62
C MET C 240 7.18 -12.15 -27.67
N GLU C 241 8.45 -11.84 -27.44
CA GLU C 241 9.23 -11.12 -28.45
C GLU C 241 9.37 -11.94 -29.73
N HIS C 242 9.40 -13.28 -29.63
CA HIS C 242 9.55 -14.13 -30.80
C HIS C 242 8.26 -14.26 -31.60
N MET C 243 7.22 -13.71 -31.14
CA MET C 243 5.95 -13.76 -31.85
C MET C 243 5.72 -12.47 -32.62
N PRO C 244 5.11 -12.53 -33.82
CA PRO C 244 5.01 -11.34 -34.66
C PRO C 244 4.01 -10.34 -34.12
N ALA C 245 3.66 -9.34 -34.94
CA ALA C 245 2.94 -8.18 -34.44
C ALA C 245 1.51 -8.54 -34.06
N ASP C 246 0.82 -9.24 -34.95
CA ASP C 246 -0.59 -9.58 -34.80
C ASP C 246 -1.09 -10.36 -33.56
N ASP C 247 -2.00 -9.70 -32.82
CA ASP C 247 -2.70 -10.24 -31.66
C ASP C 247 -1.91 -11.22 -30.79
N VAL C 248 -0.94 -10.69 -30.05
CA VAL C 248 -0.34 -11.37 -28.92
C VAL C 248 -0.46 -10.43 -27.72
N VAL C 249 -1.07 -10.90 -26.65
CA VAL C 249 -1.28 -10.09 -25.45
C VAL C 249 -0.77 -10.88 -24.26
N MET C 250 -0.20 -10.18 -23.29
CA MET C 250 0.24 -10.79 -22.05
C MET C 250 -0.44 -10.10 -20.87
N THR C 251 -0.95 -10.90 -19.94
CA THR C 251 -1.42 -10.39 -18.67
C THR C 251 -0.34 -10.69 -17.64
N LEU C 252 0.37 -9.66 -17.20
CA LEU C 252 1.46 -9.81 -16.24
C LEU C 252 0.91 -9.53 -14.84
N ILE C 253 0.93 -10.55 -13.97
CA ILE C 253 0.42 -10.45 -12.62
C ILE C 253 1.59 -10.19 -11.68
N ARG C 254 1.51 -9.11 -10.90
CA ARG C 254 2.64 -8.68 -10.08
C ARG C 254 2.94 -9.67 -8.95
N ASP C 255 1.90 -10.19 -8.29
CA ASP C 255 2.06 -11.05 -7.13
C ASP C 255 1.82 -12.51 -7.44
N GLY C 256 1.72 -12.88 -8.71
CA GLY C 256 1.44 -14.26 -9.07
C GLY C 256 2.68 -15.12 -9.06
N ASP C 257 2.49 -16.39 -8.70
CA ASP C 257 3.60 -17.34 -8.71
C ASP C 257 3.53 -18.22 -9.95
N HIS C 258 4.12 -19.42 -9.89
CA HIS C 258 4.16 -20.27 -11.07
C HIS C 258 2.85 -20.99 -11.31
N ARG C 259 2.16 -21.40 -10.23
CA ARG C 259 0.92 -22.16 -10.41
C ARG C 259 -0.20 -21.29 -10.95
N LEU C 260 -0.31 -20.05 -10.44
CA LEU C 260 -1.36 -19.12 -10.85
C LEU C 260 -2.74 -19.77 -10.72
N SER C 261 -2.99 -20.35 -9.54
CA SER C 261 -4.21 -21.09 -9.29
C SER C 261 -5.08 -20.44 -8.22
N ARG C 262 -4.72 -19.24 -7.76
CA ARG C 262 -5.61 -18.53 -6.86
C ARG C 262 -6.89 -18.15 -7.59
N GLU C 263 -7.93 -17.84 -6.81
CA GLU C 263 -9.21 -17.51 -7.42
C GLU C 263 -9.07 -16.31 -8.36
N GLU C 264 -8.31 -15.29 -7.96
CA GLU C 264 -8.12 -14.13 -8.83
C GLU C 264 -7.30 -14.49 -10.06
N ASP C 265 -6.36 -15.44 -9.93
CA ASP C 265 -5.61 -15.90 -11.09
C ASP C 265 -6.50 -16.66 -12.06
N ILE C 266 -7.35 -17.55 -11.53
CA ILE C 266 -8.28 -18.28 -12.37
C ILE C 266 -9.26 -17.32 -13.06
N ALA C 267 -9.65 -16.25 -12.35
CA ALA C 267 -10.56 -15.29 -12.96
C ALA C 267 -9.96 -14.67 -14.22
N LYS C 268 -8.66 -14.37 -14.18
CA LYS C 268 -8.02 -13.81 -15.36
C LYS C 268 -7.86 -14.85 -16.46
N LEU C 269 -7.60 -16.12 -16.09
CA LEU C 269 -7.56 -17.18 -17.08
C LEU C 269 -8.89 -17.32 -17.79
N LYS C 270 -9.99 -17.32 -17.03
CA LYS C 270 -11.32 -17.40 -17.62
C LYS C 270 -11.60 -16.23 -18.54
N GLN C 271 -11.12 -15.04 -18.17
CA GLN C 271 -11.25 -13.88 -19.05
C GLN C 271 -10.42 -14.03 -20.31
N ALA C 272 -9.26 -14.67 -20.22
CA ALA C 272 -8.44 -14.88 -21.41
C ALA C 272 -9.09 -15.88 -22.34
N ILE C 273 -9.72 -16.92 -21.80
CA ILE C 273 -10.46 -17.86 -22.64
C ILE C 273 -11.67 -17.18 -23.26
N ASP C 274 -12.35 -16.31 -22.49
CA ASP C 274 -13.50 -15.60 -23.01
C ASP C 274 -13.11 -14.71 -24.20
N ALA C 275 -11.93 -14.10 -24.14
CA ALA C 275 -11.49 -13.25 -25.25
C ALA C 275 -11.23 -14.09 -26.50
N MET C 276 -10.52 -15.21 -26.35
CA MET C 276 -10.32 -16.15 -27.46
C MET C 276 -11.66 -16.60 -28.07
N LEU C 277 -12.68 -16.80 -27.24
CA LEU C 277 -13.96 -17.28 -27.76
C LEU C 277 -14.73 -16.19 -28.50
N THR C 278 -14.52 -14.93 -28.14
CA THR C 278 -15.29 -13.85 -28.77
C THR C 278 -14.71 -13.43 -30.10
N LYS C 279 -13.40 -13.61 -30.31
CA LYS C 279 -12.76 -13.28 -31.57
C LYS C 279 -12.65 -14.48 -32.50
N ALA C 280 -13.41 -15.54 -32.23
CA ALA C 280 -13.39 -16.74 -33.08
C ALA C 280 -14.73 -16.93 -33.79
N ALA D 6 -3.19 8.79 7.61
CA ALA D 6 -3.23 9.72 8.74
C ALA D 6 -3.36 11.15 8.26
N GLU D 7 -4.32 11.40 7.37
CA GLU D 7 -4.49 12.74 6.80
C GLU D 7 -5.22 13.66 7.77
N THR D 8 -6.31 13.18 8.38
CA THR D 8 -7.09 14.01 9.29
C THR D 8 -6.35 14.19 10.61
N GLU D 9 -6.07 15.44 10.97
CA GLU D 9 -5.32 15.75 12.17
C GLU D 9 -6.18 15.57 13.42
N ILE D 10 -5.53 15.58 14.57
CA ILE D 10 -6.19 15.36 15.86
C ILE D 10 -6.64 16.69 16.43
N THR D 11 -7.91 16.78 16.80
CA THR D 11 -8.47 17.94 17.49
C THR D 11 -8.98 17.46 18.84
N ARG D 12 -8.75 18.26 19.88
CA ARG D 12 -9.02 17.85 21.25
C ARG D 12 -10.03 18.77 21.93
N ILE D 13 -10.90 18.15 22.73
CA ILE D 13 -11.74 18.85 23.70
C ILE D 13 -11.44 18.29 25.09
N GLU D 14 -11.74 19.08 26.10
CA GLU D 14 -11.60 18.67 27.49
C GLU D 14 -12.98 18.32 28.04
N VAL D 15 -13.16 17.08 28.45
CA VAL D 15 -14.41 16.60 29.02
C VAL D 15 -14.21 16.34 30.51
N GLY D 16 -15.10 16.89 31.33
CA GLY D 16 -14.97 16.82 32.77
C GLY D 16 -14.13 17.96 33.32
N THR D 17 -14.08 18.02 34.65
CA THR D 17 -13.34 19.07 35.34
C THR D 17 -12.53 18.45 36.48
N GLY D 18 -11.48 19.17 36.89
CA GLY D 18 -10.66 18.69 38.00
C GLY D 18 -9.86 17.46 37.61
N ALA D 19 -9.76 16.51 38.54
CA ALA D 19 -9.05 15.26 38.28
C ALA D 19 -9.84 14.33 37.36
N ALA D 20 -11.14 14.56 37.21
CA ALA D 20 -11.95 13.78 36.28
C ALA D 20 -11.86 14.29 34.85
N ALA D 21 -11.20 15.42 34.64
CA ALA D 21 -11.09 16.00 33.30
C ALA D 21 -10.19 15.13 32.43
N ARG D 22 -10.64 14.86 31.22
CA ARG D 22 -9.89 14.04 30.28
C ARG D 22 -9.84 14.73 28.93
N SER D 23 -8.66 14.76 28.33
CA SER D 23 -8.52 15.27 26.97
C SER D 23 -8.95 14.18 25.98
N ILE D 24 -9.97 14.47 25.19
CA ILE D 24 -10.51 13.53 24.22
C ILE D 24 -9.96 13.89 22.85
N ALA D 25 -9.17 12.99 22.28
CA ALA D 25 -8.61 13.20 20.95
C ALA D 25 -9.62 12.76 19.90
N MET D 26 -9.86 13.64 18.93
CA MET D 26 -10.78 13.34 17.83
C MET D 26 -10.10 13.56 16.50
N ARG D 27 -10.70 12.99 15.47
CA ARG D 27 -10.29 13.18 14.07
C ARG D 27 -11.57 13.52 13.30
N ILE D 28 -11.84 14.80 13.15
CA ILE D 28 -13.07 15.30 12.55
C ILE D 28 -12.78 15.58 11.08
N PHE D 29 -13.09 14.63 10.21
CA PHE D 29 -12.97 14.86 8.77
C PHE D 29 -14.17 15.65 8.28
N ARG D 30 -13.90 16.72 7.53
CA ARG D 30 -14.93 17.56 6.92
C ARG D 30 -14.76 17.54 5.41
N THR D 31 -15.80 17.13 4.70
CA THR D 31 -15.75 16.97 3.26
C THR D 31 -15.90 18.31 2.54
N GLY D 32 -15.48 18.34 1.29
CA GLY D 32 -15.61 19.53 0.46
C GLY D 32 -16.80 19.46 -0.49
N PRO D 45 -25.03 14.93 5.76
CA PRO D 45 -24.98 14.10 6.97
C PRO D 45 -23.56 13.94 7.51
N ALA D 46 -23.34 12.89 8.31
CA ALA D 46 -22.02 12.63 8.87
C ALA D 46 -21.98 11.20 9.40
N LEU D 47 -20.83 10.55 9.23
CA LEU D 47 -20.61 9.25 9.83
C LEU D 47 -19.92 9.43 11.18
N VAL D 48 -20.35 8.68 12.17
CA VAL D 48 -19.76 8.68 13.50
C VAL D 48 -19.30 7.27 13.80
N TRP D 49 -18.03 7.13 14.17
CA TRP D 49 -17.47 5.85 14.56
C TRP D 49 -17.44 5.75 16.08
N LEU D 50 -17.81 4.57 16.59
CA LEU D 50 -17.72 4.26 18.02
C LEU D 50 -17.00 2.92 18.15
N GLY D 51 -15.72 2.97 18.49
CA GLY D 51 -14.90 1.78 18.53
C GLY D 51 -15.27 0.86 19.68
N GLY D 52 -14.67 -0.33 19.66
CA GLY D 52 -14.92 -1.32 20.67
C GLY D 52 -14.12 -1.08 21.95
N TYR D 53 -14.14 -2.08 22.82
CA TYR D 53 -13.46 -2.02 24.10
C TYR D 53 -11.96 -2.25 23.90
N ARG D 54 -11.16 -1.31 24.39
CA ARG D 54 -9.69 -1.35 24.30
C ARG D 54 -9.21 -1.33 22.85
N SER D 55 -9.99 -0.76 21.95
CA SER D 55 -9.57 -0.49 20.59
C SER D 55 -9.30 1.02 20.47
N ASP D 56 -9.09 1.49 19.24
CA ASP D 56 -8.86 2.92 19.03
C ASP D 56 -9.26 3.28 17.60
N MET D 57 -9.32 4.58 17.34
CA MET D 57 -9.86 5.11 16.09
C MET D 57 -8.93 4.93 14.89
N THR D 58 -7.72 4.40 15.08
CA THR D 58 -6.85 4.09 13.96
C THR D 58 -6.95 2.63 13.54
N GLY D 59 -7.94 1.91 14.05
CA GLY D 59 -8.14 0.53 13.64
C GLY D 59 -8.61 0.42 12.20
N THR D 60 -8.63 -0.82 11.71
CA THR D 60 -8.94 -1.04 10.30
C THR D 60 -10.34 -0.56 9.96
N LYS D 61 -11.34 -1.00 10.71
CA LYS D 61 -12.70 -0.61 10.40
C LYS D 61 -12.90 0.90 10.57
N ALA D 62 -12.30 1.47 11.61
CA ALA D 62 -12.47 2.90 11.86
C ALA D 62 -11.87 3.73 10.71
N VAL D 63 -10.69 3.34 10.23
CA VAL D 63 -10.09 4.04 9.11
C VAL D 63 -10.93 3.88 7.85
N GLU D 64 -11.49 2.68 7.64
CA GLU D 64 -12.33 2.45 6.47
C GLU D 64 -13.61 3.26 6.54
N VAL D 65 -14.11 3.56 7.73
CA VAL D 65 -15.33 4.34 7.86
C VAL D 65 -15.09 5.78 7.39
N GLU D 66 -13.98 6.39 7.82
CA GLU D 66 -13.65 7.72 7.29
C GLU D 66 -13.35 7.67 5.80
N ARG D 67 -12.75 6.58 5.33
CA ARG D 67 -12.53 6.43 3.90
C ARG D 67 -13.85 6.33 3.14
N HIS D 68 -14.84 5.65 3.74
CA HIS D 68 -16.16 5.60 3.14
C HIS D 68 -16.81 6.99 3.13
N ALA D 69 -16.63 7.75 4.20
CA ALA D 69 -17.10 9.14 4.22
C ALA D 69 -16.40 9.98 3.17
N ARG D 70 -15.11 9.71 2.93
CA ARG D 70 -14.40 10.43 1.87
C ARG D 70 -14.98 10.11 0.51
N GLU D 71 -15.49 8.89 0.32
CA GLU D 71 -16.08 8.51 -0.96
C GLU D 71 -17.52 8.99 -1.09
N ALA D 72 -18.23 9.19 0.02
CA ALA D 72 -19.64 9.58 -0.03
C ALA D 72 -19.86 11.08 0.03
N GLY D 73 -18.83 11.86 0.31
CA GLY D 73 -19.00 13.31 0.42
C GLY D 73 -19.69 13.76 1.69
N THR D 74 -19.46 13.07 2.81
CA THR D 74 -19.99 13.48 4.10
C THR D 74 -18.85 13.57 5.10
N ASP D 75 -19.08 14.34 6.16
CA ASP D 75 -18.13 14.44 7.25
C ASP D 75 -18.03 13.11 7.99
N CYS D 76 -16.92 12.95 8.71
CA CYS D 76 -16.73 11.76 9.54
C CYS D 76 -16.20 12.19 10.90
N ILE D 77 -16.76 11.62 11.96
CA ILE D 77 -16.35 11.90 13.33
C ILE D 77 -15.74 10.62 13.89
N ARG D 78 -14.46 10.68 14.21
CA ARG D 78 -13.76 9.63 14.95
C ARG D 78 -13.13 10.25 16.18
N PHE D 79 -13.01 9.46 17.24
CA PHE D 79 -12.43 9.92 18.50
C PHE D 79 -12.05 8.69 19.31
N ASP D 80 -11.37 8.92 20.44
CA ASP D 80 -10.94 7.86 21.33
C ASP D 80 -11.58 8.06 22.69
N TYR D 81 -12.14 6.98 23.25
CA TYR D 81 -12.60 7.01 24.62
C TYR D 81 -11.44 7.36 25.57
N SER D 82 -11.79 7.87 26.74
CA SER D 82 -10.79 8.04 27.79
C SER D 82 -10.16 6.69 28.13
N GLY D 83 -8.83 6.64 28.10
CA GLY D 83 -8.12 5.39 28.26
C GLY D 83 -7.92 4.62 26.98
N HIS D 84 -8.27 5.19 25.84
CA HIS D 84 -8.10 4.56 24.53
C HIS D 84 -7.29 5.49 23.64
N GLY D 85 -6.44 4.90 22.80
CA GLY D 85 -5.75 5.63 21.76
C GLY D 85 -5.01 6.85 22.27
N ALA D 86 -5.27 7.98 21.62
CA ALA D 86 -4.60 9.24 21.93
C ALA D 86 -5.34 10.06 22.98
N SER D 87 -6.31 9.48 23.67
CA SER D 87 -7.01 10.18 24.74
C SER D 87 -6.34 9.94 26.08
N ASP D 88 -6.63 10.81 27.04
CA ASP D 88 -6.07 10.72 28.38
C ASP D 88 -6.70 9.57 29.16
N GLY D 89 -6.02 9.19 30.25
CA GLY D 89 -6.58 8.28 31.23
C GLY D 89 -6.25 6.82 31.00
N ASP D 90 -6.71 6.00 31.93
CA ASP D 90 -6.59 4.56 31.88
C ASP D 90 -7.96 3.95 31.61
N TYR D 91 -7.99 2.87 30.81
CA TYR D 91 -9.26 2.27 30.44
C TYR D 91 -9.97 1.61 31.61
N ARG D 92 -9.23 1.24 32.66
CA ARG D 92 -9.84 0.66 33.85
C ARG D 92 -10.54 1.69 34.71
N ASP D 93 -10.32 2.99 34.46
CA ASP D 93 -11.08 4.05 35.12
C ASP D 93 -12.41 4.33 34.47
N GLY D 94 -12.66 3.76 33.29
CA GLY D 94 -13.83 4.10 32.52
C GLY D 94 -15.03 3.20 32.79
N THR D 95 -16.19 3.70 32.38
CA THR D 95 -17.44 2.96 32.41
C THR D 95 -18.17 3.22 31.11
N ILE D 96 -19.28 2.51 30.91
CA ILE D 96 -20.15 2.80 29.78
C ILE D 96 -20.74 4.20 29.91
N SER D 97 -21.12 4.60 31.13
CA SER D 97 -21.69 5.93 31.32
C SER D 97 -20.72 7.02 30.91
N ARG D 98 -19.46 6.93 31.37
CA ARG D 98 -18.47 7.95 31.04
C ARG D 98 -18.16 7.97 29.55
N TRP D 99 -18.06 6.79 28.92
CA TRP D 99 -17.75 6.76 27.50
C TRP D 99 -18.93 7.21 26.65
N VAL D 100 -20.16 7.08 27.15
CA VAL D 100 -21.31 7.64 26.45
C VAL D 100 -21.30 9.16 26.54
N GLU D 101 -21.01 9.70 27.74
CA GLU D 101 -20.96 11.15 27.90
C GLU D 101 -19.86 11.75 27.03
N GLU D 102 -18.70 11.10 26.96
CA GLU D 102 -17.65 11.58 26.08
C GLU D 102 -18.09 11.56 24.62
N SER D 103 -18.71 10.45 24.18
CA SER D 103 -19.17 10.37 22.80
C SER D 103 -20.16 11.48 22.47
N LEU D 104 -21.09 11.76 23.39
CA LEU D 104 -22.06 12.82 23.15
C LEU D 104 -21.40 14.20 23.17
N ALA D 105 -20.35 14.37 23.97
CA ALA D 105 -19.62 15.63 23.96
C ALA D 105 -18.87 15.82 22.65
N VAL D 106 -18.34 14.73 22.08
CA VAL D 106 -17.69 14.82 20.78
C VAL D 106 -18.70 15.12 19.69
N ILE D 107 -19.87 14.48 19.75
CA ILE D 107 -20.93 14.73 18.78
C ILE D 107 -21.41 16.17 18.86
N ASP D 108 -21.67 16.65 20.08
CA ASP D 108 -22.15 18.03 20.26
C ASP D 108 -21.12 19.04 19.79
N HIS D 109 -19.84 18.69 19.87
CA HIS D 109 -18.80 19.63 19.47
C HIS D 109 -18.54 19.60 17.97
N ALA D 110 -18.83 18.48 17.31
CA ALA D 110 -18.41 18.29 15.93
C ALA D 110 -19.56 18.13 14.95
N ALA D 111 -20.62 17.40 15.32
CA ALA D 111 -21.65 17.02 14.37
C ALA D 111 -22.49 18.23 13.96
N THR D 112 -22.53 18.51 12.65
CA THR D 112 -23.46 19.47 12.07
C THR D 112 -24.56 18.71 11.36
N GLY D 113 -25.79 18.85 11.85
CA GLY D 113 -26.91 18.20 11.21
C GLY D 113 -27.02 16.72 11.55
N ARG D 114 -27.64 15.98 10.63
CA ARG D 114 -27.92 14.57 10.83
C ARG D 114 -26.63 13.76 10.86
N MET D 115 -26.73 12.54 11.38
CA MET D 115 -25.57 11.66 11.44
C MET D 115 -26.01 10.21 11.47
N ILE D 116 -25.08 9.34 11.10
CA ILE D 116 -25.25 7.89 11.14
C ILE D 116 -24.21 7.32 12.10
N LEU D 117 -24.68 6.66 13.15
CA LEU D 117 -23.79 6.07 14.14
C LEU D 117 -23.36 4.67 13.68
N ILE D 118 -22.06 4.42 13.75
CA ILE D 118 -21.46 3.16 13.34
C ILE D 118 -20.66 2.62 14.52
N GLY D 119 -21.23 1.69 15.27
CA GLY D 119 -20.61 1.19 16.49
C GLY D 119 -20.19 -0.27 16.35
N SER D 120 -19.00 -0.58 16.85
CA SER D 120 -18.45 -1.94 16.82
C SER D 120 -18.32 -2.47 18.23
N SER D 121 -18.89 -3.66 18.47
CA SER D 121 -18.82 -4.39 19.74
C SER D 121 -19.33 -3.47 20.84
N MET D 122 -18.50 -3.05 21.80
CA MET D 122 -19.01 -2.16 22.85
C MET D 122 -19.45 -0.83 22.26
N GLY D 123 -18.85 -0.42 21.13
CA GLY D 123 -19.30 0.78 20.46
C GLY D 123 -20.76 0.71 20.05
N ALA D 124 -21.23 -0.47 19.65
CA ALA D 124 -22.65 -0.63 19.37
C ALA D 124 -23.49 -0.44 20.62
N TRP D 125 -22.95 -0.79 21.80
CA TRP D 125 -23.64 -0.47 23.05
C TRP D 125 -23.70 1.03 23.26
N VAL D 126 -22.60 1.74 23.00
CA VAL D 126 -22.61 3.19 23.11
C VAL D 126 -23.60 3.79 22.13
N ALA D 127 -23.64 3.26 20.91
CA ALA D 127 -24.48 3.80 19.86
C ALA D 127 -25.96 3.73 20.23
N LEU D 128 -26.39 2.61 20.81
CA LEU D 128 -27.77 2.47 21.25
C LEU D 128 -28.09 3.42 22.39
N ARG D 129 -27.14 3.64 23.31
CA ARG D 129 -27.38 4.61 24.38
C ARG D 129 -27.50 6.02 23.82
N LEU D 130 -26.67 6.35 22.83
CA LEU D 130 -26.75 7.66 22.19
C LEU D 130 -28.11 7.87 21.54
N ALA D 131 -28.65 6.82 20.91
CA ALA D 131 -29.96 6.92 20.26
C ALA D 131 -31.06 7.20 21.28
N GLU D 132 -30.98 6.59 22.46
CA GLU D 132 -31.97 6.86 23.49
C GLU D 132 -31.87 8.30 24.00
N LYS D 133 -30.64 8.82 24.12
CA LYS D 133 -30.44 10.18 24.61
C LYS D 133 -30.75 11.23 23.55
N LEU D 134 -30.71 10.86 22.27
CA LEU D 134 -30.83 11.82 21.19
C LEU D 134 -32.28 12.15 20.84
N LYS D 135 -33.22 11.94 21.77
CA LYS D 135 -34.59 12.42 21.61
C LYS D 135 -35.33 12.36 22.94
N GLY D 146 -28.68 17.94 15.66
CA GLY D 146 -28.18 16.58 15.75
C GLY D 146 -29.27 15.52 15.80
N ARG D 147 -29.64 15.00 14.63
CA ARG D 147 -30.69 13.99 14.51
C ARG D 147 -30.12 12.70 13.93
N LEU D 148 -30.72 11.58 14.33
CA LEU D 148 -30.24 10.26 13.95
C LEU D 148 -30.92 9.80 12.66
N CYS D 149 -30.11 9.36 11.69
CA CYS D 149 -30.60 8.89 10.41
C CYS D 149 -30.38 7.40 10.18
N GLY D 150 -29.60 6.74 11.02
CA GLY D 150 -29.40 5.31 10.88
C GLY D 150 -28.37 4.81 11.88
N LEU D 151 -28.38 3.49 12.06
CA LEU D 151 -27.48 2.81 13.00
C LEU D 151 -26.87 1.61 12.31
N VAL D 152 -25.53 1.52 12.37
CA VAL D 152 -24.80 0.38 11.83
C VAL D 152 -24.00 -0.23 12.97
N LEU D 153 -24.35 -1.45 13.35
CA LEU D 153 -23.75 -2.12 14.49
C LEU D 153 -22.96 -3.32 13.97
N ILE D 154 -21.67 -3.34 14.30
CA ILE D 154 -20.76 -4.39 13.87
C ILE D 154 -20.42 -5.22 15.10
N ALA D 155 -20.62 -6.53 15.00
CA ALA D 155 -20.43 -7.49 16.09
C ALA D 155 -20.94 -6.91 17.41
N PRO D 156 -22.21 -6.50 17.46
CA PRO D 156 -22.67 -5.68 18.59
C PRO D 156 -22.58 -6.42 19.91
N ALA D 157 -22.20 -5.70 20.97
CA ALA D 157 -22.14 -6.26 22.32
C ALA D 157 -22.83 -5.33 23.33
N PRO D 158 -24.14 -5.11 23.18
CA PRO D 158 -24.86 -4.32 24.18
C PRO D 158 -25.17 -5.16 25.40
N ASP D 159 -25.08 -4.54 26.58
CA ASP D 159 -25.33 -5.20 27.86
C ASP D 159 -24.39 -6.39 28.08
N PHE D 160 -23.20 -6.35 27.46
CA PHE D 160 -22.32 -7.51 27.49
C PHE D 160 -21.84 -7.84 28.90
N THR D 161 -21.80 -6.84 29.79
CA THR D 161 -21.47 -7.11 31.18
C THR D 161 -22.57 -7.92 31.87
N ALA D 162 -23.83 -7.63 31.52
CA ALA D 162 -24.97 -8.27 32.17
C ALA D 162 -25.43 -9.54 31.46
N GLU D 163 -25.26 -9.62 30.15
CA GLU D 163 -25.70 -10.77 29.36
C GLU D 163 -24.62 -11.82 29.15
N LEU D 164 -23.35 -11.43 29.05
CA LEU D 164 -22.29 -12.37 28.75
C LEU D 164 -21.30 -12.58 29.90
N ILE D 165 -21.05 -11.56 30.72
CA ILE D 165 -20.05 -11.64 31.77
C ILE D 165 -20.67 -12.17 33.07
N GLU D 166 -21.71 -11.48 33.55
CA GLU D 166 -22.26 -11.78 34.88
C GLU D 166 -22.76 -13.22 35.03
N PRO D 167 -23.56 -13.78 34.11
CA PRO D 167 -24.00 -15.18 34.31
C PRO D 167 -22.86 -16.18 34.23
N ASN D 168 -21.72 -15.82 33.66
CA ASN D 168 -20.58 -16.72 33.51
C ASN D 168 -19.45 -16.38 34.47
N LEU D 169 -19.75 -15.71 35.58
CA LEU D 169 -18.74 -15.35 36.56
C LEU D 169 -18.48 -16.53 37.49
N THR D 170 -17.25 -17.02 37.51
CA THR D 170 -16.88 -18.03 38.49
C THR D 170 -16.82 -17.39 39.89
N GLU D 171 -16.89 -18.25 40.91
CA GLU D 171 -16.88 -17.76 42.28
C GLU D 171 -15.55 -17.10 42.64
N ALA D 172 -14.46 -17.54 42.01
CA ALA D 172 -13.17 -16.88 42.20
C ALA D 172 -13.18 -15.47 41.60
N GLU D 173 -13.85 -15.32 40.45
CA GLU D 173 -13.99 -14.00 39.85
C GLU D 173 -14.93 -13.11 40.66
N ARG D 174 -15.96 -13.69 41.27
CA ARG D 174 -16.91 -12.90 42.03
C ARG D 174 -16.28 -12.32 43.29
N THR D 175 -15.50 -13.13 44.01
CA THR D 175 -14.85 -12.62 45.23
C THR D 175 -13.71 -11.67 44.89
N SER D 176 -13.03 -11.89 43.76
CA SER D 176 -12.02 -10.93 43.33
C SER D 176 -12.64 -9.58 43.02
N LEU D 177 -13.87 -9.56 42.49
CA LEU D 177 -14.60 -8.30 42.30
C LEU D 177 -14.97 -7.66 43.62
N ALA D 178 -15.22 -8.47 44.66
CA ALA D 178 -15.69 -7.95 45.93
C ALA D 178 -14.55 -7.42 46.79
N GLU D 179 -13.40 -8.09 46.75
CA GLU D 179 -12.26 -7.71 47.58
C GLU D 179 -11.22 -6.88 46.83
N ARG D 180 -10.82 -7.33 45.64
CA ARG D 180 -9.85 -6.59 44.85
C ARG D 180 -10.49 -5.47 44.02
N GLY D 181 -11.77 -5.58 43.71
CA GLY D 181 -12.44 -4.58 42.90
C GLY D 181 -12.40 -4.83 41.40
N TYR D 182 -11.88 -5.98 40.98
CA TYR D 182 -11.78 -6.31 39.56
C TYR D 182 -11.57 -7.81 39.44
N PHE D 183 -11.48 -8.28 38.20
CA PHE D 183 -10.99 -9.62 37.93
C PHE D 183 -10.32 -9.62 36.56
N GLU D 184 -9.54 -10.66 36.31
CA GLU D 184 -8.72 -10.72 35.10
C GLU D 184 -9.14 -11.88 34.21
N GLU D 185 -8.95 -11.69 32.91
CA GLU D 185 -9.31 -12.66 31.88
C GLU D 185 -8.31 -12.54 30.73
N PRO D 186 -7.57 -13.61 30.41
CA PRO D 186 -6.46 -13.53 29.43
C PRO D 186 -6.93 -13.25 28.00
N PRO D 193 -3.03 -9.18 29.56
CA PRO D 193 -4.15 -9.49 30.46
C PRO D 193 -5.22 -8.40 30.46
N ASN D 194 -6.48 -8.82 30.37
CA ASN D 194 -7.61 -7.89 30.36
C ASN D 194 -8.27 -7.86 31.74
N VAL D 195 -8.69 -6.67 32.16
CA VAL D 195 -9.28 -6.44 33.46
C VAL D 195 -10.72 -5.96 33.27
N PHE D 196 -11.64 -6.54 34.04
CA PHE D 196 -13.04 -6.11 34.08
C PHE D 196 -13.33 -5.64 35.50
N THR D 197 -13.39 -4.33 35.70
CA THR D 197 -13.54 -3.80 37.04
C THR D 197 -14.97 -3.99 37.54
N ARG D 198 -15.12 -3.92 38.86
CA ARG D 198 -16.47 -3.93 39.43
C ARG D 198 -17.26 -2.70 39.00
N ALA D 199 -16.58 -1.56 38.82
CA ALA D 199 -17.26 -0.33 38.39
C ALA D 199 -17.89 -0.50 37.02
N LEU D 200 -17.17 -1.15 36.10
CA LEU D 200 -17.71 -1.33 34.75
C LEU D 200 -18.97 -2.21 34.77
N ILE D 201 -18.96 -3.27 35.58
CA ILE D 201 -20.10 -4.19 35.61
C ILE D 201 -21.29 -3.54 36.29
N GLU D 202 -21.08 -2.90 37.44
CA GLU D 202 -22.18 -2.30 38.18
C GLU D 202 -22.75 -1.08 37.46
N ASP D 203 -21.89 -0.23 36.91
CA ASP D 203 -22.39 0.87 36.09
C ASP D 203 -23.04 0.36 34.81
N GLY D 204 -22.60 -0.80 34.31
CA GLY D 204 -23.24 -1.38 33.15
C GLY D 204 -24.72 -1.65 33.36
N ARG D 205 -25.12 -1.91 34.60
CA ARG D 205 -26.53 -2.13 34.91
C ARG D 205 -27.36 -0.88 34.64
N ASN D 206 -26.74 0.30 34.76
CA ASN D 206 -27.44 1.55 34.50
C ASN D 206 -27.39 1.94 33.03
N ASN D 207 -26.90 1.07 32.17
CA ASN D 207 -26.86 1.32 30.73
C ASN D 207 -27.52 0.20 29.92
N LEU D 208 -28.26 -0.69 30.57
CA LEU D 208 -28.88 -1.81 29.86
C LEU D 208 -29.94 -1.30 28.89
N VAL D 209 -29.82 -1.70 27.62
CA VAL D 209 -30.79 -1.33 26.60
C VAL D 209 -31.77 -2.46 26.27
N MET D 210 -31.41 -3.72 26.52
CA MET D 210 -32.26 -4.86 26.20
C MET D 210 -33.23 -5.22 27.32
N LYS D 211 -33.66 -4.23 28.11
CA LYS D 211 -34.67 -4.50 29.12
C LYS D 211 -36.03 -4.76 28.47
N GLY D 212 -36.37 -3.95 27.47
CA GLY D 212 -37.59 -4.13 26.72
C GLY D 212 -37.37 -3.87 25.24
N PRO D 213 -38.44 -3.53 24.53
CA PRO D 213 -38.29 -3.14 23.13
C PRO D 213 -37.38 -1.93 22.98
N ILE D 214 -36.54 -1.96 21.94
CA ILE D 214 -35.58 -0.90 21.67
C ILE D 214 -36.00 -0.23 20.36
N GLU D 215 -36.65 0.92 20.46
CA GLU D 215 -37.01 1.72 19.29
C GLU D 215 -36.00 2.85 19.14
N THR D 216 -35.32 2.88 18.00
CA THR D 216 -34.28 3.86 17.73
C THR D 216 -34.74 5.02 16.87
N GLY D 217 -35.93 4.93 16.26
CA GLY D 217 -36.40 5.96 15.36
C GLY D 217 -35.68 6.04 14.04
N CYS D 218 -34.75 5.12 13.76
CA CYS D 218 -33.97 5.13 12.53
C CYS D 218 -33.74 3.68 12.10
N PRO D 219 -33.51 3.44 10.81
CA PRO D 219 -33.17 2.08 10.38
C PRO D 219 -31.89 1.60 11.04
N VAL D 220 -31.80 0.29 11.23
CA VAL D 220 -30.68 -0.35 11.90
C VAL D 220 -30.17 -1.49 11.02
N HIS D 221 -28.86 -1.57 10.85
CA HIS D 221 -28.23 -2.70 10.18
C HIS D 221 -27.15 -3.29 11.08
N ILE D 222 -27.27 -4.60 11.34
CA ILE D 222 -26.34 -5.31 12.22
C ILE D 222 -25.45 -6.20 11.35
N LEU D 223 -24.14 -6.11 11.57
CA LEU D 223 -23.18 -6.99 10.93
C LEU D 223 -22.57 -7.90 12.00
N GLN D 224 -22.67 -9.21 11.79
CA GLN D 224 -22.25 -10.17 12.80
C GLN D 224 -21.59 -11.36 12.10
N GLY D 225 -20.48 -11.82 12.67
CA GLY D 225 -19.83 -13.03 12.20
C GLY D 225 -20.37 -14.24 12.94
N MET D 226 -20.55 -15.33 12.21
CA MET D 226 -21.09 -16.54 12.81
C MET D 226 -20.04 -17.34 13.58
N ARG D 227 -18.75 -17.05 13.35
CA ARG D 227 -17.67 -17.68 14.09
C ARG D 227 -17.03 -16.69 15.09
N ASP D 228 -17.87 -15.81 15.64
CA ASP D 228 -17.41 -14.81 16.60
C ASP D 228 -17.15 -15.47 17.96
N PRO D 229 -15.92 -15.47 18.47
CA PRO D 229 -15.63 -16.14 19.74
C PRO D 229 -15.85 -15.25 20.95
N ASP D 230 -15.92 -13.94 20.74
CA ASP D 230 -16.10 -12.99 21.84
C ASP D 230 -17.57 -12.63 22.06
N VAL D 231 -18.30 -12.36 20.99
CA VAL D 231 -19.74 -12.10 21.06
C VAL D 231 -20.44 -13.20 20.29
N PRO D 232 -21.07 -14.17 20.98
CA PRO D 232 -21.81 -15.22 20.26
C PRO D 232 -22.91 -14.61 19.40
N TYR D 233 -23.04 -15.12 18.17
CA TYR D 233 -23.95 -14.49 17.23
C TYR D 233 -25.40 -14.56 17.69
N THR D 234 -25.71 -15.44 18.63
CA THR D 234 -27.04 -15.43 19.23
C THR D 234 -27.29 -14.17 20.06
N HIS D 235 -26.23 -13.51 20.53
CA HIS D 235 -26.42 -12.26 21.27
C HIS D 235 -26.95 -11.15 20.38
N ALA D 236 -26.40 -11.04 19.16
CA ALA D 236 -26.92 -10.06 18.21
C ALA D 236 -28.35 -10.42 17.79
N LEU D 237 -28.65 -11.71 17.67
CA LEU D 237 -30.02 -12.11 17.40
C LEU D 237 -30.96 -11.68 18.52
N LYS D 238 -30.55 -11.90 19.78
CA LYS D 238 -31.36 -11.45 20.90
C LYS D 238 -31.58 -9.94 20.85
N LEU D 239 -30.53 -9.19 20.50
CA LEU D 239 -30.68 -7.74 20.34
C LEU D 239 -31.66 -7.42 19.23
N MET D 240 -31.62 -8.18 18.14
CA MET D 240 -32.51 -7.92 17.01
C MET D 240 -33.96 -8.23 17.37
N GLU D 241 -34.20 -9.30 18.13
CA GLU D 241 -35.55 -9.61 18.57
C GLU D 241 -36.12 -8.50 19.45
N HIS D 242 -35.27 -7.70 20.09
CA HIS D 242 -35.72 -6.59 20.92
C HIS D 242 -36.07 -5.34 20.14
N MET D 243 -35.85 -5.33 18.81
CA MET D 243 -36.17 -4.16 17.99
C MET D 243 -37.55 -4.30 17.39
N PRO D 244 -38.29 -3.19 17.24
CA PRO D 244 -39.75 -3.28 17.05
C PRO D 244 -40.20 -3.46 15.61
N ALA D 245 -39.47 -4.25 14.83
CA ALA D 245 -39.92 -4.77 13.54
C ALA D 245 -40.29 -3.64 12.56
N ASP D 246 -39.24 -2.91 12.14
CA ASP D 246 -39.36 -1.95 11.05
C ASP D 246 -37.98 -1.52 10.57
N ASP D 247 -37.53 -2.06 9.45
CA ASP D 247 -36.24 -1.75 8.86
C ASP D 247 -35.10 -2.01 9.84
N VAL D 248 -35.05 -3.22 10.36
CA VAL D 248 -33.93 -3.75 11.12
C VAL D 248 -33.41 -4.95 10.35
N VAL D 249 -32.17 -4.87 9.89
CA VAL D 249 -31.58 -5.89 9.03
C VAL D 249 -30.29 -6.38 9.68
N MET D 250 -30.01 -7.67 9.53
CA MET D 250 -28.73 -8.23 9.97
C MET D 250 -28.07 -8.95 8.81
N THR D 251 -26.78 -8.71 8.63
CA THR D 251 -25.94 -9.46 7.70
C THR D 251 -25.11 -10.42 8.54
N LEU D 252 -25.42 -11.70 8.45
CA LEU D 252 -24.72 -12.74 9.20
C LEU D 252 -23.71 -13.40 8.30
N ILE D 253 -22.43 -13.25 8.63
CA ILE D 253 -21.34 -13.85 7.86
C ILE D 253 -20.96 -15.17 8.51
N ARG D 254 -20.96 -16.24 7.71
CA ARG D 254 -20.78 -17.59 8.27
C ARG D 254 -19.38 -17.79 8.84
N ASP D 255 -18.35 -17.35 8.12
CA ASP D 255 -16.97 -17.56 8.55
C ASP D 255 -16.34 -16.30 9.15
N GLY D 256 -17.16 -15.35 9.58
CA GLY D 256 -16.64 -14.13 10.17
C GLY D 256 -16.41 -14.27 11.67
N ASP D 257 -15.38 -13.60 12.16
CA ASP D 257 -15.07 -13.61 13.58
C ASP D 257 -15.53 -12.29 14.22
N HIS D 258 -14.97 -11.92 15.36
CA HIS D 258 -15.38 -10.70 16.03
C HIS D 258 -14.85 -9.47 15.30
N ARG D 259 -13.64 -9.55 14.75
CA ARG D 259 -13.03 -8.37 14.14
C ARG D 259 -13.77 -7.94 12.88
N LEU D 260 -14.20 -8.91 12.06
CA LEU D 260 -14.85 -8.64 10.78
C LEU D 260 -14.03 -7.65 9.96
N SER D 261 -12.74 -7.96 9.83
CA SER D 261 -11.77 -7.03 9.26
C SER D 261 -11.12 -7.57 7.98
N ARG D 262 -11.66 -8.61 7.38
CA ARG D 262 -11.17 -9.04 6.08
C ARG D 262 -11.72 -8.13 4.98
N GLU D 263 -11.06 -8.14 3.83
CA GLU D 263 -11.50 -7.32 2.71
C GLU D 263 -12.96 -7.57 2.38
N GLU D 264 -13.38 -8.83 2.32
CA GLU D 264 -14.79 -9.12 2.07
C GLU D 264 -15.67 -8.63 3.21
N ASP D 265 -15.13 -8.55 4.43
CA ASP D 265 -15.92 -8.07 5.57
C ASP D 265 -16.13 -6.56 5.49
N ILE D 266 -15.06 -5.81 5.22
CA ILE D 266 -15.20 -4.37 5.10
C ILE D 266 -16.13 -4.02 3.94
N ALA D 267 -16.06 -4.81 2.86
CA ALA D 267 -16.98 -4.59 1.74
C ALA D 267 -18.43 -4.66 2.20
N LYS D 268 -18.77 -5.63 3.04
CA LYS D 268 -20.13 -5.70 3.56
C LYS D 268 -20.44 -4.53 4.49
N LEU D 269 -19.47 -4.10 5.30
CA LEU D 269 -19.69 -2.92 6.12
C LEU D 269 -19.96 -1.70 5.24
N LYS D 270 -19.18 -1.52 4.18
CA LYS D 270 -19.39 -0.37 3.31
C LYS D 270 -20.77 -0.43 2.66
N GLN D 271 -21.21 -1.63 2.28
CA GLN D 271 -22.55 -1.79 1.74
C GLN D 271 -23.62 -1.43 2.76
N ALA D 272 -23.37 -1.70 4.05
CA ALA D 272 -24.34 -1.34 5.07
C ALA D 272 -24.47 0.18 5.21
N ILE D 273 -23.33 0.89 5.17
CA ILE D 273 -23.37 2.36 5.25
C ILE D 273 -24.07 2.93 4.03
N ASP D 274 -23.83 2.34 2.85
CA ASP D 274 -24.50 2.79 1.63
C ASP D 274 -26.01 2.71 1.77
N ALA D 275 -26.52 1.60 2.32
CA ALA D 275 -27.96 1.45 2.49
C ALA D 275 -28.51 2.53 3.42
N MET D 276 -27.76 2.87 4.47
CA MET D 276 -28.18 3.94 5.36
C MET D 276 -28.24 5.28 4.64
N LEU D 277 -27.26 5.56 3.79
CA LEU D 277 -27.23 6.85 3.11
C LEU D 277 -28.37 7.00 2.13
N THR D 278 -28.76 5.91 1.47
CA THR D 278 -29.87 5.99 0.52
C THR D 278 -31.22 6.08 1.20
N LYS D 279 -31.28 5.88 2.52
CA LYS D 279 -32.50 6.06 3.29
C LYS D 279 -32.70 7.48 3.78
N ALA D 280 -31.71 8.36 3.55
CA ALA D 280 -31.76 9.76 3.98
C ALA D 280 -32.01 9.88 5.49
C1 GOL E . 25.46 -2.23 33.24
O1 GOL E . 24.65 -2.17 32.08
C2 GOL E . 25.75 -0.76 33.66
O2 GOL E . 25.33 -0.46 34.96
C3 GOL E . 27.28 -0.56 33.46
O3 GOL E . 27.57 0.77 33.76
O43 PE3 F . 24.06 28.84 1.00
C42 PE3 F . 24.97 28.86 2.11
C41 PE3 F . 24.22 29.11 3.41
O40 PE3 F . 25.16 29.12 4.50
C39 PE3 F . 24.52 29.32 5.78
C38 PE3 F . 25.42 29.33 7.02
O37 PE3 F . 26.18 28.10 7.24
C36 PE3 F . 27.15 27.82 6.21
C35 PE3 F . 27.88 26.50 6.38
O34 PE3 F . 28.83 26.35 5.29
C33 PE3 F . 28.16 26.38 4.01
C32 PE3 F . 29.21 26.25 2.93
O31 PE3 F . 28.60 26.28 1.63
O43 PE3 G . 3.10 19.79 2.22
C42 PE3 G . 3.89 19.11 1.24
C41 PE3 G . 3.10 17.95 0.62
O40 PE3 G . 1.93 18.54 0.03
C39 PE3 G . 1.15 17.56 -0.64
C38 PE3 G . -0.12 18.20 -1.24
O37 PE3 G . 0.16 19.26 -2.20
C36 PE3 G . 1.08 18.79 -3.25
C35 PE3 G . 1.35 19.87 -4.31
O34 PE3 G . 2.30 19.40 -5.31
C33 PE3 G . 3.59 19.15 -4.71
C32 PE3 G . 4.52 18.66 -5.81
O31 PE3 G . 5.89 18.37 -5.45
C30 PE3 G . 6.67 19.52 -5.01
C29 PE3 G . 8.11 19.00 -4.90
O28 PE3 G . 9.11 19.97 -4.51
C1 GOL H . 16.52 29.26 2.28
O1 GOL H . 15.88 29.30 1.04
C2 GOL H . 16.35 30.65 2.94
O2 GOL H . 15.01 30.95 3.18
C3 GOL H . 17.17 30.60 4.25
O3 GOL H . 17.01 31.83 4.87
C1 GOL I . 34.46 11.76 2.22
O1 GOL I . 35.68 11.21 1.81
C2 GOL I . 33.33 10.79 1.73
O2 GOL I . 33.59 9.46 2.07
C3 GOL I . 32.02 11.34 2.36
O3 GOL I . 30.94 10.64 1.82
O43 PE3 J . 18.89 15.47 7.84
C42 PE3 J . 19.57 14.40 7.19
C41 PE3 J . 20.05 14.84 5.79
O40 PE3 J . 18.95 15.26 4.96
C39 PE3 J . 19.43 15.50 3.62
C38 PE3 J . 18.27 15.87 2.69
O37 PE3 J . 18.81 16.01 1.37
C36 PE3 J . 19.76 17.07 1.12
C35 PE3 J . 20.11 16.63 -0.29
O34 PE3 J . 21.04 17.36 -1.12
C33 PE3 J . 21.19 16.56 -2.32
C32 PE3 J . 19.83 16.26 -2.95
O31 PE3 J . 19.08 17.42 -3.34
C30 PE3 J . 19.74 18.09 -4.41
C29 PE3 J . 19.87 17.24 -5.69
O28 PE3 J . 18.65 16.80 -6.37
C27 PE3 J . 17.76 15.93 -5.64
C41 PE3 K . 14.76 30.89 -6.62
O40 PE3 K . 14.36 30.56 -7.96
C39 PE3 K . 13.52 31.59 -8.50
C38 PE3 K . 13.15 31.24 -9.94
O37 PE3 K . 12.34 32.26 -10.57
C36 PE3 K . 12.25 31.88 -11.96
C35 PE3 K . 11.42 30.72 -12.52
O34 PE3 K . 10.00 30.86 -12.37
C33 PE3 K . 9.44 29.71 -13.03
C32 PE3 K . 7.94 29.78 -13.36
O31 PE3 K . 7.80 30.92 -14.26
C30 PE3 K . 6.47 31.09 -14.80
C29 PE3 K . 5.37 31.34 -13.81
O28 PE3 K . 4.18 31.40 -14.60
C27 PE3 K . 3.01 31.56 -13.78
C26 PE3 K . 1.83 31.50 -14.75
O25 PE3 K . 1.88 30.22 -15.40
O43 PE3 L . 22.62 21.27 -11.12
C42 PE3 L . 21.74 20.38 -10.43
C41 PE3 L . 21.68 19.07 -11.21
O40 PE3 L . 20.82 18.12 -10.58
C39 PE3 L . 20.84 16.91 -11.35
C38 PE3 L . 20.26 16.86 -12.76
O37 PE3 L . 20.77 17.75 -13.78
C36 PE3 L . 20.20 17.21 -14.97
C35 PE3 L . 20.36 17.93 -16.30
O34 PE3 L . 21.64 18.26 -16.88
C33 PE3 L . 22.31 19.25 -16.09
C32 PE3 L . 23.58 19.66 -16.83
O31 PE3 L . 24.22 20.67 -16.05
C1 GOL M . 15.70 4.83 -22.55
O1 GOL M . 15.57 4.60 -23.92
C2 GOL M . 16.84 3.91 -22.03
O2 GOL M . 17.88 3.80 -22.94
C3 GOL M . 17.29 4.55 -20.68
O3 GOL M . 18.51 3.98 -20.32
CL CL N . -4.78 10.16 -27.45
C1 GOL O . 13.15 -9.79 -22.77
O1 GOL O . 14.14 -10.67 -23.23
C2 GOL O . 13.45 -9.55 -21.26
O2 GOL O . 14.77 -9.83 -20.94
C3 GOL O . 13.06 -8.06 -20.99
O3 GOL O . 13.68 -7.67 -19.81
#